data_9EVJ
#
_entry.id   9EVJ
#
_cell.length_a   220.855
_cell.length_b   220.855
_cell.length_c   220.855
_cell.angle_alpha   90.00
_cell.angle_beta   90.00
_cell.angle_gamma   90.00
#
_symmetry.space_group_name_H-M   'I 2 3'
#
loop_
_entity.id
_entity.type
_entity.pdbx_description
1 polymer 'Procollagen galactosyltransferase 1'
2 non-polymer "GALACTOSE-URIDINE-5'-DIPHOSPHATE"
3 non-polymer "URIDINE-5'-DIPHOSPHATE"
4 non-polymer 'MANGANESE (II) ION'
5 non-polymer '2-(N-MORPHOLINO)-ETHANESULFONIC ACID'
6 non-polymer 'CHLORIDE ION'
7 non-polymer 'CALCIUM ION'
8 non-polymer 'SODIUM ION'
9 water water
#
_entity_poly.entity_id   1
_entity_poly.type   'polypeptide(L)'
_entity_poly.pdbx_seq_one_letter_code
;GSAPPGADAYFPEERWSPESPLQAPRVLIALLARNAAHALPTTLGALERLRHPRERTALWVATDHNMDNTSTVLREWLVA
VKSLYHSVEWRPAEEPRSYPDEEGPKHWSDSRYEHVMKLRQAALKSARDMWADYILFVDADNLILNPDTLSLLIAENKTV
VAPMLDSRAAYSNFWCGMTSQGYYKRTPAYIPIRKRDRRGCFAVPMVHSTFLIDLRKAASRNLAFYPPHPDYTWSFDDII
VFAFSCKQAEVQMYVCNKEEYGFLPVPLRAHSTLQDEAESFMHVQLEVMVKHPPAEPSRFISAPTKTPDKMGFDEVFMIN
LRRRQDRRERMLRALQAQEIECRLVEAVDGKAMNTSQVEALGIQMLPGYRDPYHGRPLTKGELGCFLSHYNIWKEVVDRG
LQKSLVFEDDLRFEIFFKRRLMNLMRDVEREGLDWDLIYVGRKRMQVEHPEKAVPRVRNLVEADYSYWTLAYVISLQGAR
KLLAAEPLSKMLPVDEFLPVMFDKHPVSEYKAHFSLRNLHAFSVEPLLIYPTHYTGDDGYVSDTETSVVWNNEHVKTDWD
RAKSQKMREQQALSREAKNSDVLQSPLDSAAAAA
;
_entity_poly.pdbx_strand_id   A,B
#
# COMPACT_ATOMS: atom_id res chain seq x y z
N SER A 17 -12.44 -14.20 -16.78
CA SER A 17 -12.14 -14.18 -15.35
C SER A 17 -11.50 -12.86 -14.96
N PRO A 18 -12.32 -11.93 -14.48
CA PRO A 18 -11.83 -10.56 -14.27
C PRO A 18 -11.15 -10.38 -12.92
N GLU A 19 -10.08 -9.61 -12.91
CA GLU A 19 -9.45 -9.19 -11.67
C GLU A 19 -10.24 -8.06 -11.05
N SER A 20 -10.39 -8.10 -9.73
CA SER A 20 -11.12 -7.06 -9.03
C SER A 20 -10.39 -5.73 -9.13
N PRO A 21 -11.08 -4.62 -8.87
CA PRO A 21 -10.40 -3.32 -8.83
C PRO A 21 -9.35 -3.29 -7.73
N LEU A 22 -8.38 -2.40 -7.91
CA LEU A 22 -7.39 -2.18 -6.86
C LEU A 22 -7.99 -1.34 -5.74
N GLN A 23 -7.58 -1.62 -4.51
CA GLN A 23 -7.94 -0.74 -3.42
C GLN A 23 -7.25 0.62 -3.60
N ALA A 24 -7.83 1.64 -2.97
CA ALA A 24 -7.24 2.96 -3.04
C ALA A 24 -5.89 2.97 -2.34
N PRO A 25 -5.00 3.90 -2.70
CA PRO A 25 -3.69 3.96 -2.05
C PRO A 25 -3.81 4.26 -0.55
N ARG A 26 -2.81 3.82 0.19
CA ARG A 26 -2.79 3.95 1.65
C ARG A 26 -2.20 5.31 2.03
N VAL A 27 -2.94 6.08 2.80
CA VAL A 27 -2.58 7.45 3.15
C VAL A 27 -2.58 7.60 4.66
N LEU A 28 -1.52 8.20 5.19
CA LEU A 28 -1.46 8.61 6.59
C LEU A 28 -1.62 10.12 6.66
N ILE A 29 -2.64 10.57 7.37
CA ILE A 29 -2.87 12.00 7.58
C ILE A 29 -2.18 12.40 8.88
N ALA A 30 -1.17 13.26 8.77
CA ALA A 30 -0.37 13.71 9.90
C ALA A 30 -0.87 15.07 10.34
N LEU A 31 -1.27 15.18 11.61
CA LEU A 31 -1.90 16.39 12.14
C LEU A 31 -1.15 16.83 13.41
N LEU A 32 -0.37 17.90 13.29
CA LEU A 32 0.20 18.58 14.45
C LEU A 32 -0.76 19.69 14.87
N ALA A 33 -1.14 19.69 16.15
CA ALA A 33 -2.14 20.63 16.64
C ALA A 33 -1.64 21.31 17.91
N ARG A 34 -1.45 22.62 17.84
CA ARG A 34 -1.19 23.45 19.02
C ARG A 34 -2.15 24.63 18.99
N ASN A 35 -2.94 24.77 20.06
CA ASN A 35 -3.88 25.87 20.21
C ASN A 35 -4.79 25.99 18.99
N ALA A 36 -5.46 24.88 18.69
CA ALA A 36 -6.29 24.77 17.50
C ALA A 36 -7.75 24.44 17.81
N ALA A 37 -8.14 24.47 19.09
CA ALA A 37 -9.49 24.06 19.46
C ALA A 37 -10.55 24.89 18.76
N HIS A 38 -10.24 26.15 18.44
CA HIS A 38 -11.19 26.99 17.72
C HIS A 38 -11.46 26.46 16.31
N ALA A 39 -10.50 25.77 15.73
CA ALA A 39 -10.58 25.33 14.34
C ALA A 39 -10.86 23.83 14.17
N LEU A 40 -10.41 22.99 15.11
CA LEU A 40 -10.54 21.54 14.97
C LEU A 40 -11.94 21.06 14.62
N PRO A 41 -13.03 21.56 15.24
CA PRO A 41 -14.36 21.06 14.85
C PRO A 41 -14.65 21.16 13.36
N THR A 42 -14.25 22.26 12.73
CA THR A 42 -14.45 22.39 11.29
C THR A 42 -13.35 21.68 10.51
N THR A 43 -12.09 21.81 10.96
CA THR A 43 -10.98 21.18 10.25
C THR A 43 -11.10 19.66 10.29
N LEU A 44 -11.30 19.10 11.47
CA LEU A 44 -11.49 17.65 11.59
C LEU A 44 -12.76 17.20 10.90
N GLY A 45 -13.79 18.06 10.88
CA GLY A 45 -15.00 17.73 10.15
C GLY A 45 -14.77 17.61 8.67
N ALA A 46 -13.91 18.47 8.13
CA ALA A 46 -13.57 18.38 6.71
C ALA A 46 -12.77 17.11 6.42
N LEU A 47 -11.80 16.79 7.28
CA LEU A 47 -10.95 15.62 7.05
C LEU A 47 -11.75 14.33 7.08
N GLU A 48 -12.66 14.20 8.05
CA GLU A 48 -13.44 12.98 8.18
C GLU A 48 -14.39 12.77 7.01
N ARG A 49 -14.71 13.82 6.26
CA ARG A 49 -15.59 13.74 5.10
C ARG A 49 -14.83 13.69 3.78
N LEU A 50 -13.52 13.47 3.82
CA LEU A 50 -12.76 13.30 2.58
C LEU A 50 -13.25 12.08 1.82
N ARG A 51 -13.34 12.22 0.50
CA ARG A 51 -13.74 11.10 -0.36
C ARG A 51 -12.51 10.26 -0.71
N HIS A 52 -12.05 9.53 0.32
CA HIS A 52 -10.96 8.59 0.22
C HIS A 52 -11.29 7.53 1.27
N PRO A 53 -11.23 6.25 0.92
CA PRO A 53 -11.74 5.20 1.82
C PRO A 53 -11.04 5.22 3.17
N ARG A 54 -11.85 5.17 4.23
CA ARG A 54 -11.30 5.33 5.59
C ARG A 54 -10.43 4.15 5.96
N GLU A 55 -10.76 2.95 5.50
CA GLU A 55 -9.92 1.79 5.78
C GLU A 55 -8.59 1.87 5.06
N ARG A 56 -8.48 2.74 4.06
CA ARG A 56 -7.22 3.05 3.39
C ARG A 56 -6.59 4.33 3.93
N THR A 57 -7.07 4.82 5.07
CA THR A 57 -6.57 6.03 5.70
C THR A 57 -6.16 5.74 7.12
N ALA A 58 -5.04 6.33 7.54
CA ALA A 58 -4.56 6.21 8.92
C ALA A 58 -4.30 7.61 9.47
N LEU A 59 -4.36 7.72 10.80
CA LEU A 59 -4.28 9.01 11.47
C LEU A 59 -3.07 9.06 12.39
N TRP A 60 -2.37 10.19 12.36
CA TRP A 60 -1.21 10.45 13.20
C TRP A 60 -1.36 11.85 13.77
N VAL A 61 -1.64 11.94 15.06
CA VAL A 61 -1.99 13.19 15.72
C VAL A 61 -1.03 13.43 16.88
N ALA A 62 -0.42 14.61 16.91
CA ALA A 62 0.48 15.01 17.97
C ALA A 62 0.08 16.39 18.46
N THR A 63 -0.14 16.53 19.77
CA THR A 63 -0.50 17.81 20.38
C THR A 63 0.36 18.04 21.61
N ASP A 64 0.67 19.31 21.86
CA ASP A 64 1.47 19.73 23.00
C ASP A 64 1.50 21.25 23.06
N HIS A 65 1.92 21.78 24.21
CA HIS A 65 2.04 23.23 24.42
C HIS A 65 0.72 23.94 24.16
N ASN A 66 -0.35 23.40 24.74
CA ASN A 66 -1.70 23.92 24.54
C ASN A 66 -2.11 24.78 25.72
N MET A 67 -2.53 26.02 25.43
CA MET A 67 -3.16 26.88 26.41
C MET A 67 -4.68 26.75 26.41
N ASP A 68 -5.24 26.01 25.45
CA ASP A 68 -6.67 25.76 25.34
C ASP A 68 -6.93 24.26 25.49
N ASN A 69 -8.17 23.85 25.23
CA ASN A 69 -8.57 22.44 25.32
C ASN A 69 -8.39 21.69 24.01
N THR A 70 -7.30 21.98 23.29
CA THR A 70 -7.01 21.24 22.06
C THR A 70 -6.90 19.75 22.32
N SER A 71 -6.23 19.38 23.41
CA SER A 71 -6.02 17.97 23.72
C SER A 71 -7.35 17.23 23.90
N THR A 72 -8.31 17.89 24.55
CA THR A 72 -9.60 17.24 24.82
C THR A 72 -10.43 17.10 23.56
N VAL A 73 -10.41 18.11 22.68
CA VAL A 73 -11.16 18.05 21.43
C VAL A 73 -10.63 16.93 20.55
N LEU A 74 -9.30 16.86 20.40
CA LEU A 74 -8.71 15.79 19.60
C LEU A 74 -9.04 14.41 20.16
N ARG A 75 -8.95 14.27 21.48
CA ARG A 75 -9.21 12.96 22.09
C ARG A 75 -10.67 12.55 21.92
N GLU A 76 -11.60 13.50 22.05
CA GLU A 76 -13.00 13.19 21.82
C GLU A 76 -13.25 12.73 20.38
N TRP A 77 -12.61 13.40 19.43
CA TRP A 77 -12.77 13.03 18.02
C TRP A 77 -12.13 11.68 17.74
N LEU A 78 -10.92 11.44 18.26
CA LEU A 78 -10.21 10.20 17.97
C LEU A 78 -10.95 8.99 18.53
N VAL A 79 -11.47 9.11 19.76
CA VAL A 79 -12.22 8.00 20.35
C VAL A 79 -13.44 7.66 19.50
N ALA A 80 -14.04 8.68 18.87
CA ALA A 80 -15.24 8.46 18.07
C ALA A 80 -14.94 7.96 16.66
N VAL A 81 -13.74 8.21 16.14
CA VAL A 81 -13.41 7.84 14.77
C VAL A 81 -12.41 6.69 14.68
N LYS A 82 -11.87 6.22 15.81
CA LYS A 82 -10.81 5.21 15.78
C LYS A 82 -11.23 3.97 15.02
N SER A 83 -12.44 3.47 15.30
CA SER A 83 -12.89 2.18 14.78
C SER A 83 -13.17 2.23 13.29
N LEU A 84 -13.02 3.40 12.69
CA LEU A 84 -13.30 3.57 11.27
C LEU A 84 -12.04 3.62 10.41
N TYR A 85 -10.87 3.82 11.01
CA TYR A 85 -9.65 4.02 10.27
C TYR A 85 -8.68 2.86 10.46
N HIS A 86 -7.71 2.77 9.55
CA HIS A 86 -6.74 1.68 9.59
C HIS A 86 -5.98 1.67 10.90
N SER A 87 -5.52 2.83 11.36
CA SER A 87 -4.81 2.93 12.61
C SER A 87 -4.79 4.39 13.06
N VAL A 88 -4.66 4.58 14.38
CA VAL A 88 -4.58 5.89 15.00
C VAL A 88 -3.35 5.92 15.90
N GLU A 89 -2.52 6.94 15.73
CA GLU A 89 -1.42 7.20 16.65
C GLU A 89 -1.66 8.54 17.32
N TRP A 90 -1.50 8.58 18.64
CA TRP A 90 -1.91 9.70 19.48
C TRP A 90 -0.77 10.02 20.43
N ARG A 91 -0.17 11.21 20.26
CA ARG A 91 1.00 11.64 21.02
C ARG A 91 0.68 12.95 21.72
N PRO A 92 -0.02 12.91 22.84
CA PRO A 92 -0.28 14.13 23.60
C PRO A 92 0.83 14.43 24.60
N ALA A 93 0.82 15.67 25.11
CA ALA A 93 1.77 16.10 26.13
C ALA A 93 1.18 17.34 26.79
N GLU A 94 0.64 17.17 28.00
CA GLU A 94 -0.09 18.27 28.63
C GLU A 94 0.84 19.34 29.20
N GLU A 95 1.97 18.93 29.76
CA GLU A 95 2.90 19.92 30.29
C GLU A 95 4.24 19.85 29.58
N PRO A 96 4.89 21.00 29.34
CA PRO A 96 4.45 22.36 29.68
C PRO A 96 3.44 22.88 28.67
N ARG A 97 2.79 24.01 28.96
CA ARG A 97 1.80 24.59 28.06
C ARG A 97 2.36 25.75 27.24
N SER A 98 3.63 26.09 27.44
CA SER A 98 4.30 27.10 26.62
C SER A 98 5.80 26.82 26.64
N TYR A 99 6.45 27.12 25.52
CA TYR A 99 7.89 26.88 25.42
C TYR A 99 8.65 27.80 26.35
N PRO A 100 9.73 27.33 26.97
CA PRO A 100 10.49 28.18 27.90
C PRO A 100 11.20 29.35 27.23
N ASP A 101 11.45 29.29 25.92
CA ASP A 101 12.17 30.34 25.22
C ASP A 101 11.25 31.17 24.32
N GLU A 102 9.94 31.10 24.52
CA GLU A 102 9.00 31.80 23.67
C GLU A 102 8.68 33.18 24.24
N GLU A 103 8.33 34.09 23.33
CA GLU A 103 7.86 35.43 23.69
C GLU A 103 6.34 35.55 23.59
N GLY A 104 5.67 34.50 23.12
CA GLY A 104 4.24 34.49 22.98
C GLY A 104 3.79 33.19 22.35
N PRO A 105 2.47 32.94 22.35
CA PRO A 105 1.97 31.70 21.74
C PRO A 105 2.11 31.67 20.23
N LYS A 106 2.19 32.82 19.56
CA LYS A 106 2.40 32.88 18.13
C LYS A 106 3.85 33.16 17.77
N HIS A 107 4.75 33.13 18.74
CA HIS A 107 6.17 33.30 18.49
C HIS A 107 6.79 31.95 18.16
N TRP A 108 7.59 31.90 17.10
CA TRP A 108 8.25 30.67 16.66
C TRP A 108 9.72 30.75 17.07
N SER A 109 10.02 30.25 18.26
CA SER A 109 11.38 30.17 18.76
C SER A 109 12.06 28.90 18.22
N ASP A 110 13.39 28.84 18.41
CA ASP A 110 14.15 27.69 17.90
C ASP A 110 13.68 26.39 18.53
N SER A 111 13.27 26.44 19.80
CA SER A 111 12.73 25.24 20.45
C SER A 111 11.44 24.79 19.78
N ARG A 112 10.58 25.74 19.42
CA ARG A 112 9.35 25.39 18.72
C ARG A 112 9.63 24.85 17.34
N TYR A 113 10.53 25.50 16.60
CA TYR A 113 10.91 25.01 15.27
C TYR A 113 11.49 23.60 15.36
N GLU A 114 12.40 23.36 16.30
CA GLU A 114 13.02 22.05 16.42
C GLU A 114 11.98 20.98 16.75
N HIS A 115 11.05 21.29 17.65
CA HIS A 115 10.04 20.31 18.04
C HIS A 115 9.10 20.00 16.87
N VAL A 116 8.65 21.05 16.17
CA VAL A 116 7.75 20.85 15.03
C VAL A 116 8.44 20.02 13.95
N MET A 117 9.70 20.35 13.65
CA MET A 117 10.47 19.57 12.69
C MET A 117 10.56 18.11 13.11
N LYS A 118 10.84 17.86 14.39
CA LYS A 118 10.93 16.49 14.88
C LYS A 118 9.59 15.77 14.80
N LEU A 119 8.48 16.49 14.99
CA LEU A 119 7.18 15.85 14.90
C LEU A 119 6.89 15.41 13.47
N ARG A 120 7.17 16.26 12.49
CA ARG A 120 6.94 15.89 11.10
C ARG A 120 7.87 14.75 10.67
N GLN A 121 9.11 14.75 11.17
CA GLN A 121 10.01 13.62 10.92
C GLN A 121 9.46 12.35 11.56
N ALA A 122 8.93 12.46 12.77
CA ALA A 122 8.33 11.31 13.43
C ALA A 122 7.13 10.79 12.65
N ALA A 123 6.27 11.69 12.18
CA ALA A 123 5.14 11.29 11.36
C ALA A 123 5.60 10.63 10.07
N LEU A 124 6.67 11.16 9.46
CA LEU A 124 7.20 10.56 8.24
C LEU A 124 7.73 9.15 8.52
N LYS A 125 8.48 8.99 9.62
CA LYS A 125 8.98 7.67 9.98
C LYS A 125 7.83 6.70 10.25
N SER A 126 6.76 7.20 10.89
CA SER A 126 5.58 6.37 11.09
C SER A 126 5.01 5.90 9.76
N ALA A 127 4.78 6.84 8.83
CA ALA A 127 4.22 6.49 7.54
C ALA A 127 5.07 5.47 6.82
N ARG A 128 6.40 5.63 6.88
CA ARG A 128 7.29 4.65 6.24
C ARG A 128 7.19 3.30 6.95
N ASP A 129 7.22 3.29 8.28
CA ASP A 129 7.23 2.04 9.02
C ASP A 129 5.93 1.26 8.82
N MET A 130 4.81 1.95 8.62
CA MET A 130 3.52 1.29 8.43
C MET A 130 3.22 1.00 6.95
N TRP A 131 4.20 1.21 6.07
CA TRP A 131 4.08 0.85 4.65
C TRP A 131 2.94 1.62 3.97
N ALA A 132 2.79 2.90 4.30
CA ALA A 132 1.81 3.72 3.63
C ALA A 132 2.30 4.12 2.25
N ASP A 133 1.36 4.46 1.38
CA ASP A 133 1.72 4.94 0.04
C ASP A 133 2.00 6.44 0.06
N TYR A 134 1.22 7.20 0.81
CA TYR A 134 1.36 8.64 0.90
C TYR A 134 1.23 9.06 2.36
N ILE A 135 1.88 10.17 2.70
CA ILE A 135 1.63 10.88 3.93
C ILE A 135 1.10 12.28 3.58
N LEU A 136 0.00 12.65 4.21
CA LEU A 136 -0.65 13.93 3.96
C LEU A 136 -0.52 14.79 5.22
N PHE A 137 0.25 15.87 5.11
CA PHE A 137 0.35 16.83 6.20
C PHE A 137 -0.73 17.89 6.02
N VAL A 138 -1.51 18.10 7.07
CA VAL A 138 -2.54 19.13 7.10
C VAL A 138 -2.38 19.91 8.39
N ASP A 139 -2.19 21.22 8.29
CA ASP A 139 -2.15 22.05 9.48
C ASP A 139 -3.53 22.15 10.10
N ALA A 140 -3.55 22.25 11.43
CA ALA A 140 -4.80 22.15 12.19
C ALA A 140 -5.78 23.27 11.87
N ASP A 141 -5.32 24.38 11.31
CA ASP A 141 -6.23 25.46 10.90
C ASP A 141 -6.44 25.51 9.40
N ASN A 142 -5.97 24.51 8.66
CA ASN A 142 -6.22 24.42 7.22
C ASN A 142 -7.50 23.65 6.98
N LEU A 143 -8.43 24.26 6.24
CA LEU A 143 -9.75 23.72 5.99
C LEU A 143 -9.80 23.18 4.56
N ILE A 144 -9.95 21.86 4.44
CA ILE A 144 -9.98 21.22 3.12
C ILE A 144 -11.44 20.99 2.72
N LEU A 145 -12.07 22.03 2.16
CA LEU A 145 -13.49 21.94 1.82
C LEU A 145 -13.76 20.87 0.76
N ASN A 146 -12.88 20.77 -0.25
CA ASN A 146 -13.07 19.85 -1.35
C ASN A 146 -12.79 18.42 -0.90
N PRO A 147 -13.81 17.57 -0.84
CA PRO A 147 -13.57 16.18 -0.38
C PRO A 147 -12.71 15.38 -1.33
N ASP A 148 -12.52 15.83 -2.57
CA ASP A 148 -11.73 15.12 -3.56
C ASP A 148 -10.27 15.56 -3.57
N THR A 149 -9.87 16.45 -2.66
CA THR A 149 -8.52 17.01 -2.69
C THR A 149 -7.46 15.92 -2.61
N LEU A 150 -7.62 14.98 -1.68
CA LEU A 150 -6.64 13.91 -1.53
C LEU A 150 -6.55 13.07 -2.80
N SER A 151 -7.71 12.68 -3.34
CA SER A 151 -7.73 11.93 -4.60
C SER A 151 -7.11 12.73 -5.73
N LEU A 152 -7.47 14.01 -5.84
CA LEU A 152 -6.92 14.86 -6.89
C LEU A 152 -5.41 14.97 -6.78
N LEU A 153 -4.90 15.15 -5.56
CA LEU A 153 -3.46 15.28 -5.38
C LEU A 153 -2.74 13.99 -5.73
N ILE A 154 -3.32 12.84 -5.39
CA ILE A 154 -2.71 11.57 -5.74
C ILE A 154 -2.65 11.40 -7.25
N ALA A 155 -3.67 11.91 -7.95
CA ALA A 155 -3.73 11.70 -9.40
C ALA A 155 -2.62 12.44 -10.13
N GLU A 156 -2.07 13.50 -9.54
CA GLU A 156 -1.01 14.24 -10.19
C GLU A 156 0.31 13.48 -10.28
N ASN A 157 0.45 12.40 -9.51
CA ASN A 157 1.62 11.52 -9.56
C ASN A 157 2.93 12.31 -9.41
N LYS A 158 2.97 13.13 -8.37
CA LYS A 158 4.19 13.84 -7.98
C LYS A 158 4.71 13.27 -6.68
N THR A 159 5.98 13.56 -6.38
CA THR A 159 6.54 13.08 -5.13
C THR A 159 6.18 14.02 -3.97
N VAL A 160 6.20 15.32 -4.21
CA VAL A 160 5.74 16.32 -3.25
C VAL A 160 4.85 17.30 -3.98
N VAL A 161 3.57 17.35 -3.61
CA VAL A 161 2.61 18.24 -4.25
C VAL A 161 1.68 18.79 -3.17
N ALA A 162 1.35 20.08 -3.31
CA ALA A 162 0.48 20.77 -2.39
C ALA A 162 -0.71 21.37 -3.13
N PRO A 163 -1.90 21.31 -2.55
CA PRO A 163 -3.05 22.03 -3.14
C PRO A 163 -3.01 23.48 -2.73
N MET A 164 -3.27 24.37 -3.67
CA MET A 164 -3.23 25.80 -3.39
C MET A 164 -4.45 26.19 -2.58
N LEU A 165 -4.23 26.59 -1.33
CA LEU A 165 -5.32 26.97 -0.45
C LEU A 165 -5.55 28.48 -0.53
N ASP A 166 -6.82 28.86 -0.52
CA ASP A 166 -7.20 30.27 -0.58
C ASP A 166 -7.11 30.92 0.79
N SER A 167 -6.74 32.20 0.79
CA SER A 167 -6.75 33.01 2.00
C SER A 167 -7.47 34.32 1.69
N ARG A 168 -7.67 35.12 2.73
CA ARG A 168 -8.31 36.43 2.55
C ARG A 168 -7.42 37.40 1.81
N ALA A 169 -6.13 37.12 1.70
CA ALA A 169 -5.18 38.02 1.05
C ALA A 169 -4.43 37.24 -0.02
N ALA A 170 -3.32 37.81 -0.49
CA ALA A 170 -2.48 37.15 -1.48
C ALA A 170 -1.71 35.96 -0.92
N TYR A 171 -1.66 35.82 0.41
CA TYR A 171 -0.96 34.70 1.03
C TYR A 171 -1.55 33.38 0.55
N SER A 172 -0.68 32.38 0.43
CA SER A 172 -1.08 31.01 0.14
C SER A 172 0.05 30.09 0.60
N ASN A 173 -0.15 28.79 0.39
CA ASN A 173 0.79 27.79 0.90
C ASN A 173 1.86 27.43 -0.13
N PHE A 174 2.49 28.43 -0.74
CA PHE A 174 3.58 28.19 -1.69
C PHE A 174 4.30 29.49 -1.96
N TRP A 175 5.52 29.35 -2.48
CA TRP A 175 6.30 30.46 -3.02
C TRP A 175 6.64 30.16 -4.47
N CYS A 176 6.68 31.20 -5.29
CA CYS A 176 7.14 31.05 -6.66
C CYS A 176 8.64 31.33 -6.82
N GLY A 177 9.27 31.92 -5.82
CA GLY A 177 10.69 32.23 -5.89
C GLY A 177 11.35 32.13 -4.53
N MET A 178 12.65 31.84 -4.55
CA MET A 178 13.44 31.74 -3.34
C MET A 178 14.84 32.27 -3.61
N THR A 179 15.35 33.08 -2.69
CA THR A 179 16.67 33.67 -2.84
C THR A 179 17.75 32.62 -2.57
N SER A 180 19.01 33.02 -2.74
CA SER A 180 20.13 32.14 -2.47
C SER A 180 20.31 31.86 -0.99
N GLN A 181 19.57 32.54 -0.11
CA GLN A 181 19.67 32.35 1.33
C GLN A 181 18.38 31.81 1.92
N GLY A 182 17.49 31.28 1.09
CA GLY A 182 16.25 30.70 1.58
C GLY A 182 15.13 31.68 1.84
N TYR A 183 15.29 32.95 1.48
CA TYR A 183 14.26 33.94 1.73
C TYR A 183 13.22 33.92 0.62
N TYR A 184 12.01 34.36 0.96
CA TYR A 184 10.95 34.45 -0.03
C TYR A 184 11.30 35.47 -1.09
N LYS A 185 10.98 35.15 -2.34
CA LYS A 185 11.22 36.01 -3.49
C LYS A 185 9.97 36.02 -4.34
N ARG A 186 9.46 37.21 -4.65
CA ARG A 186 8.25 37.34 -5.45
C ARG A 186 8.61 37.36 -6.94
N THR A 187 7.84 36.63 -7.72
CA THR A 187 7.98 36.52 -9.16
C THR A 187 6.67 36.94 -9.82
N PRO A 188 6.70 37.32 -11.10
CA PRO A 188 5.45 37.67 -11.78
C PRO A 188 4.47 36.51 -11.87
N ALA A 189 4.97 35.27 -11.81
CA ALA A 189 4.09 34.11 -11.96
C ALA A 189 3.18 33.91 -10.75
N TYR A 190 3.49 34.53 -9.61
CA TYR A 190 2.74 34.26 -8.39
C TYR A 190 1.28 34.64 -8.53
N ILE A 191 1.02 35.87 -8.98
CA ILE A 191 -0.36 36.38 -9.01
C ILE A 191 -1.26 35.55 -9.91
N PRO A 192 -0.90 35.24 -11.17
CA PRO A 192 -1.81 34.44 -12.00
C PRO A 192 -2.08 33.06 -11.41
N ILE A 193 -1.08 32.43 -10.78
CA ILE A 193 -1.31 31.17 -10.10
C ILE A 193 -2.24 31.38 -8.91
N ARG A 194 -2.00 32.45 -8.13
CA ARG A 194 -2.79 32.69 -6.93
C ARG A 194 -4.26 32.97 -7.26
N LYS A 195 -4.50 33.72 -8.34
CA LYS A 195 -5.85 34.07 -8.76
C LYS A 195 -6.49 33.04 -9.67
N ARG A 196 -5.83 31.89 -9.87
CA ARG A 196 -6.32 30.83 -10.76
C ARG A 196 -6.53 31.35 -12.18
N ASP A 197 -5.66 32.27 -12.61
CA ASP A 197 -5.65 32.67 -14.01
C ASP A 197 -4.96 31.62 -14.86
N ARG A 198 -3.81 31.12 -14.40
CA ARG A 198 -3.19 29.92 -14.93
C ARG A 198 -3.55 28.76 -14.01
N ARG A 199 -4.18 27.73 -14.57
CA ARG A 199 -4.58 26.55 -13.80
C ARG A 199 -3.71 25.37 -14.20
N GLY A 200 -3.19 24.66 -13.20
CA GLY A 200 -2.33 23.52 -13.45
C GLY A 200 -1.51 23.22 -12.21
N CYS A 201 -0.53 22.33 -12.42
CA CYS A 201 0.44 21.97 -11.38
C CYS A 201 1.79 22.56 -11.76
N PHE A 202 2.29 23.46 -10.93
CA PHE A 202 3.48 24.25 -11.26
C PHE A 202 4.63 23.88 -10.35
N ALA A 203 5.81 23.74 -10.94
CA ALA A 203 7.03 23.51 -10.17
C ALA A 203 7.39 24.78 -9.40
N VAL A 204 7.42 24.71 -8.08
CA VAL A 204 7.73 25.88 -7.25
C VAL A 204 8.82 25.50 -6.25
N PRO A 205 9.61 26.44 -5.75
CA PRO A 205 10.66 26.10 -4.79
C PRO A 205 10.17 25.92 -3.36
N MET A 206 8.89 26.08 -3.09
CA MET A 206 8.41 26.04 -1.72
C MET A 206 6.92 25.72 -1.69
N VAL A 207 6.56 24.69 -0.93
CA VAL A 207 5.17 24.41 -0.55
C VAL A 207 5.18 24.07 0.93
N HIS A 208 4.06 24.32 1.60
CA HIS A 208 3.97 24.10 3.04
C HIS A 208 2.51 24.01 3.44
N SER A 209 2.29 23.88 4.76
CA SER A 209 0.98 23.86 5.40
C SER A 209 0.19 22.60 5.08
N THR A 210 -0.11 22.37 3.80
CA THR A 210 -0.80 21.15 3.38
C THR A 210 -0.15 20.65 2.11
N PHE A 211 0.44 19.45 2.16
CA PHE A 211 1.12 18.88 1.00
C PHE A 211 1.16 17.37 1.15
N LEU A 212 1.39 16.71 0.02
CA LEU A 212 1.34 15.25 -0.09
C LEU A 212 2.69 14.72 -0.52
N ILE A 213 3.21 13.74 0.21
CA ILE A 213 4.47 13.08 -0.12
C ILE A 213 4.17 11.67 -0.63
N ASP A 214 4.76 11.32 -1.77
CA ASP A 214 4.57 10.01 -2.38
C ASP A 214 5.66 9.07 -1.85
N LEU A 215 5.30 8.24 -0.88
CA LEU A 215 6.26 7.32 -0.28
C LEU A 215 6.52 6.08 -1.13
N ARG A 216 5.84 5.94 -2.27
CA ARG A 216 6.19 4.87 -3.20
C ARG A 216 7.43 5.22 -4.01
N LYS A 217 7.70 6.51 -4.20
CA LYS A 217 8.84 6.93 -5.00
C LYS A 217 10.13 6.68 -4.24
N ALA A 218 11.14 6.16 -4.95
CA ALA A 218 12.42 5.87 -4.30
C ALA A 218 13.05 7.15 -3.75
N ALA A 219 12.88 8.27 -4.44
CA ALA A 219 13.48 9.53 -4.01
C ALA A 219 12.90 10.03 -2.69
N SER A 220 11.69 9.61 -2.34
CA SER A 220 11.11 10.03 -1.06
C SER A 220 11.91 9.53 0.12
N ARG A 221 12.70 8.47 -0.06
CA ARG A 221 13.54 7.97 1.03
C ARG A 221 14.56 9.00 1.49
N ASN A 222 14.97 9.91 0.59
CA ASN A 222 16.00 10.90 0.92
C ASN A 222 15.43 12.16 1.56
N LEU A 223 14.10 12.28 1.66
CA LEU A 223 13.50 13.44 2.28
C LEU A 223 13.55 13.31 3.80
N ALA A 224 13.78 14.43 4.48
CA ALA A 224 13.84 14.43 5.93
C ALA A 224 13.41 15.80 6.44
N PHE A 225 12.51 15.80 7.43
CA PHE A 225 12.16 17.06 8.09
C PHE A 225 13.17 17.44 9.15
N TYR A 226 13.86 16.45 9.73
CA TYR A 226 14.88 16.70 10.74
C TYR A 226 15.82 15.51 10.80
N PRO A 227 17.14 15.72 11.00
CA PRO A 227 17.83 17.01 11.16
C PRO A 227 17.99 17.75 9.83
N PRO A 228 18.40 19.01 9.84
CA PRO A 228 18.69 19.70 8.58
C PRO A 228 19.76 18.95 7.79
N HIS A 229 19.73 19.13 6.47
CA HIS A 229 20.68 18.45 5.62
C HIS A 229 22.11 18.85 6.00
N PRO A 230 23.08 17.95 5.89
CA PRO A 230 24.46 18.28 6.27
C PRO A 230 25.00 19.56 5.63
N ASP A 231 24.52 19.93 4.45
CA ASP A 231 24.98 21.14 3.76
C ASP A 231 24.08 22.33 3.98
N TYR A 232 23.12 22.24 4.91
CA TYR A 232 22.18 23.32 5.14
C TYR A 232 22.87 24.48 5.88
N THR A 233 22.73 25.69 5.34
CA THR A 233 23.35 26.87 5.92
C THR A 233 22.36 28.01 6.15
N TRP A 234 21.06 27.76 6.02
CA TRP A 234 20.06 28.81 6.10
C TRP A 234 19.52 28.93 7.53
N SER A 235 18.45 29.68 7.69
CA SER A 235 17.88 29.89 9.02
C SER A 235 17.22 28.62 9.55
N PHE A 236 17.21 28.48 10.87
CA PHE A 236 16.59 27.35 11.52
C PHE A 236 15.06 27.43 11.41
N ASP A 237 14.55 27.33 10.18
CA ASP A 237 13.13 27.43 9.88
C ASP A 237 12.63 26.09 9.36
N ASP A 238 11.43 25.70 9.77
CA ASP A 238 10.96 24.34 9.50
C ASP A 238 10.66 24.12 8.03
N ILE A 239 10.05 25.10 7.35
CA ILE A 239 9.68 24.90 5.96
C ILE A 239 10.88 25.06 5.04
N ILE A 240 11.87 25.88 5.42
CA ILE A 240 13.05 26.03 4.59
C ILE A 240 13.92 24.78 4.66
N VAL A 241 14.03 24.18 5.85
CA VAL A 241 14.81 22.95 6.00
C VAL A 241 14.25 21.86 5.09
N PHE A 242 12.93 21.67 5.10
CA PHE A 242 12.33 20.64 4.26
C PHE A 242 12.48 20.98 2.78
N ALA A 243 12.32 22.26 2.43
CA ALA A 243 12.51 22.67 1.05
C ALA A 243 13.92 22.37 0.57
N PHE A 244 14.92 22.67 1.40
CA PHE A 244 16.30 22.33 1.06
C PHE A 244 16.50 20.82 0.98
N SER A 245 15.71 20.05 1.75
CA SER A 245 15.82 18.61 1.71
C SER A 245 15.34 18.06 0.37
N CYS A 246 14.23 18.60 -0.15
CA CYS A 246 13.78 18.20 -1.48
C CYS A 246 14.78 18.61 -2.55
N LYS A 247 15.44 19.75 -2.35
CA LYS A 247 16.46 20.21 -3.29
C LYS A 247 17.61 19.21 -3.38
N GLN A 248 18.11 18.75 -2.22
CA GLN A 248 19.21 17.78 -2.23
C GLN A 248 18.76 16.42 -2.74
N ALA A 249 17.49 16.07 -2.53
CA ALA A 249 16.95 14.82 -3.04
C ALA A 249 16.59 14.90 -4.51
N GLU A 250 16.74 16.07 -5.14
CA GLU A 250 16.32 16.31 -6.52
C GLU A 250 14.83 16.02 -6.68
N VAL A 251 14.05 16.37 -5.66
CA VAL A 251 12.60 16.22 -5.66
C VAL A 251 11.99 17.59 -5.86
N GLN A 252 11.17 17.71 -6.91
CA GLN A 252 10.56 18.99 -7.27
C GLN A 252 9.25 19.17 -6.52
N MET A 253 9.16 20.24 -5.74
CA MET A 253 7.90 20.59 -5.10
C MET A 253 6.94 21.19 -6.11
N TYR A 254 5.67 20.77 -6.03
CA TYR A 254 4.64 21.26 -6.93
C TYR A 254 3.47 21.84 -6.13
N VAL A 255 2.81 22.82 -6.73
CA VAL A 255 1.53 23.30 -6.25
C VAL A 255 0.54 23.20 -7.40
N CYS A 256 -0.66 22.70 -7.10
CA CYS A 256 -1.71 22.58 -8.09
C CYS A 256 -2.86 23.51 -7.71
N ASN A 257 -3.36 24.25 -8.70
CA ASN A 257 -4.46 25.18 -8.49
C ASN A 257 -5.59 24.94 -9.49
N LYS A 258 -5.77 23.68 -9.91
CA LYS A 258 -6.73 23.37 -10.96
C LYS A 258 -8.16 23.62 -10.53
N GLU A 259 -8.46 23.60 -9.23
CA GLU A 259 -9.77 23.96 -8.73
C GLU A 259 -9.63 24.41 -7.29
N GLU A 260 -10.76 24.77 -6.68
CA GLU A 260 -10.75 25.13 -5.27
C GLU A 260 -10.56 23.87 -4.43
N TYR A 261 -9.59 23.91 -3.51
CA TYR A 261 -9.36 22.82 -2.58
C TYR A 261 -9.73 23.16 -1.15
N GLY A 262 -9.37 24.35 -0.68
CA GLY A 262 -9.71 24.71 0.68
C GLY A 262 -9.21 26.11 1.00
N PHE A 263 -9.32 26.44 2.29
CA PHE A 263 -9.02 27.78 2.80
C PHE A 263 -8.10 27.67 4.00
N LEU A 264 -7.30 28.70 4.22
CA LEU A 264 -6.39 28.75 5.35
C LEU A 264 -6.27 30.19 5.83
N PRO A 265 -6.06 30.41 7.13
CA PRO A 265 -5.91 31.77 7.64
C PRO A 265 -4.50 32.30 7.42
N VAL A 266 -4.42 33.61 7.27
CA VAL A 266 -3.11 34.26 7.13
C VAL A 266 -2.37 34.21 8.46
N PRO A 267 -1.13 33.72 8.50
CA PRO A 267 -0.41 33.63 9.77
C PRO A 267 -0.22 35.00 10.42
N LEU A 268 -0.17 34.99 11.75
CA LEU A 268 -0.09 36.22 12.53
C LEU A 268 1.35 36.49 12.97
N ARG A 269 1.55 37.67 13.55
CA ARG A 269 2.88 38.08 13.99
C ARG A 269 3.29 37.35 15.26
N ALA A 270 4.57 37.49 15.60
CA ALA A 270 5.11 36.83 16.78
C ALA A 270 4.40 37.28 18.05
N HIS A 271 4.07 38.57 18.13
CA HIS A 271 3.43 39.15 19.31
C HIS A 271 1.91 39.21 19.17
N SER A 272 1.33 38.37 18.33
CA SER A 272 -0.13 38.30 18.22
C SER A 272 -0.69 37.49 19.37
N THR A 273 -2.01 37.33 19.40
CA THR A 273 -2.71 36.71 20.51
C THR A 273 -3.51 35.51 20.05
N LEU A 274 -3.89 34.67 21.01
CA LEU A 274 -4.75 33.52 20.71
C LEU A 274 -6.13 33.97 20.27
N GLN A 275 -6.62 35.10 20.78
CA GLN A 275 -7.90 35.61 20.31
C GLN A 275 -7.80 36.11 18.87
N ASP A 276 -6.67 36.72 18.52
CA ASP A 276 -6.44 37.10 17.13
C ASP A 276 -6.51 35.88 16.21
N GLU A 277 -5.89 34.77 16.63
CA GLU A 277 -5.94 33.55 15.83
C GLU A 277 -7.36 33.02 15.71
N ALA A 278 -8.08 32.96 16.85
CA ALA A 278 -9.43 32.41 16.84
C ALA A 278 -10.36 33.22 15.94
N GLU A 279 -10.32 34.54 16.07
CA GLU A 279 -11.15 35.39 15.22
C GLU A 279 -10.70 35.35 13.76
N SER A 280 -9.40 35.16 13.52
CA SER A 280 -8.92 35.06 12.15
C SER A 280 -9.46 33.82 11.46
N PHE A 281 -9.47 32.68 12.16
CA PHE A 281 -10.04 31.47 11.57
C PHE A 281 -11.54 31.61 11.40
N MET A 282 -12.20 32.31 12.32
CA MET A 282 -13.63 32.60 12.14
C MET A 282 -13.86 33.36 10.84
N HIS A 283 -12.96 34.28 10.50
CA HIS A 283 -13.07 34.99 9.24
C HIS A 283 -12.94 34.06 8.04
N VAL A 284 -12.15 32.98 8.18
CA VAL A 284 -12.10 31.97 7.13
C VAL A 284 -13.48 31.37 6.92
N GLN A 285 -14.18 31.06 8.01
CA GLN A 285 -15.52 30.51 7.90
C GLN A 285 -16.48 31.53 7.29
N LEU A 286 -16.32 32.80 7.65
CA LEU A 286 -17.09 33.85 6.99
C LEU A 286 -16.79 33.89 5.50
N GLU A 287 -15.51 33.80 5.12
CA GLU A 287 -15.14 33.85 3.72
C GLU A 287 -15.66 32.64 2.94
N VAL A 288 -15.76 31.47 3.61
CA VAL A 288 -16.35 30.31 2.97
C VAL A 288 -17.82 30.56 2.67
N MET A 289 -18.55 31.09 3.64
CA MET A 289 -19.99 31.31 3.49
C MET A 289 -20.33 32.44 2.52
N VAL A 290 -19.34 33.07 1.89
CA VAL A 290 -19.63 34.10 0.90
C VAL A 290 -20.23 33.49 -0.35
N LYS A 291 -19.57 32.47 -0.91
CA LYS A 291 -20.01 31.83 -2.14
C LYS A 291 -20.14 30.32 -2.01
N HIS A 292 -20.13 29.80 -0.79
CA HIS A 292 -20.31 28.37 -0.54
C HIS A 292 -21.27 28.22 0.63
N PRO A 293 -21.89 27.05 0.79
CA PRO A 293 -22.62 26.76 2.02
C PRO A 293 -21.68 26.75 3.20
N PRO A 294 -22.20 26.88 4.42
CA PRO A 294 -21.30 26.89 5.58
C PRO A 294 -20.58 25.56 5.76
N ALA A 295 -19.31 25.64 6.12
CA ALA A 295 -18.51 24.44 6.38
C ALA A 295 -18.96 23.82 7.70
N GLU A 296 -19.60 22.67 7.62
CA GLU A 296 -20.16 22.04 8.82
C GLU A 296 -19.06 21.41 9.67
N PRO A 297 -19.27 21.33 10.98
CA PRO A 297 -18.27 20.71 11.86
C PRO A 297 -18.42 19.19 11.86
N SER A 298 -17.52 18.53 12.57
CA SER A 298 -17.61 17.09 12.73
C SER A 298 -18.84 16.74 13.56
N ARG A 299 -19.47 15.61 13.23
CA ARG A 299 -20.62 15.15 14.00
C ARG A 299 -20.22 14.50 15.32
N PHE A 300 -18.93 14.41 15.61
CA PHE A 300 -18.44 13.89 16.88
C PHE A 300 -17.91 14.97 17.79
N ILE A 301 -17.75 16.20 17.30
CA ILE A 301 -17.32 17.35 18.09
C ILE A 301 -18.39 18.41 18.04
N SER A 302 -18.59 19.10 19.16
CA SER A 302 -19.49 20.25 19.23
C SER A 302 -18.67 21.50 19.48
N ALA A 303 -18.92 22.54 18.69
CA ALA A 303 -18.30 23.83 18.92
C ALA A 303 -18.96 24.50 20.13
N PRO A 304 -18.24 25.38 20.83
CA PRO A 304 -18.84 26.02 22.01
C PRO A 304 -19.89 27.05 21.61
N THR A 305 -20.90 27.19 22.46
CA THR A 305 -21.97 28.14 22.22
C THR A 305 -21.43 29.57 22.21
N LYS A 306 -22.04 30.42 21.40
CA LYS A 306 -21.63 31.80 21.25
C LYS A 306 -22.70 32.73 21.83
N THR A 307 -22.26 33.83 22.45
CA THR A 307 -23.16 34.77 23.08
C THR A 307 -23.23 36.05 22.25
N PRO A 308 -24.33 36.29 21.53
CA PRO A 308 -24.41 37.49 20.69
C PRO A 308 -24.67 38.74 21.50
N ASP A 309 -24.23 39.87 20.97
CA ASP A 309 -24.44 41.16 21.61
C ASP A 309 -24.72 42.20 20.52
N LYS A 310 -24.81 43.46 20.93
CA LYS A 310 -25.05 44.58 20.02
C LYS A 310 -23.82 45.44 19.80
N MET A 311 -22.65 45.01 20.30
CA MET A 311 -21.39 45.73 20.13
C MET A 311 -21.41 47.13 20.75
N GLY A 312 -22.23 47.31 21.78
CA GLY A 312 -22.37 48.60 22.43
C GLY A 312 -23.33 49.56 21.75
N PHE A 313 -23.73 49.29 20.51
CA PHE A 313 -24.72 50.12 19.86
C PHE A 313 -26.07 49.99 20.56
N ASP A 314 -26.91 51.01 20.38
CA ASP A 314 -28.25 50.96 20.95
C ASP A 314 -29.14 49.98 20.20
N GLU A 315 -28.86 49.75 18.92
CA GLU A 315 -29.59 48.77 18.13
C GLU A 315 -28.80 48.47 16.86
N VAL A 316 -28.92 47.23 16.38
CA VAL A 316 -28.31 46.80 15.13
C VAL A 316 -29.43 46.32 14.22
N PHE A 317 -29.62 47.05 13.12
CA PHE A 317 -30.68 46.73 12.15
C PHE A 317 -30.12 45.95 10.98
N MET A 318 -30.99 45.13 10.38
CA MET A 318 -30.63 44.33 9.21
C MET A 318 -31.81 44.36 8.26
N ILE A 319 -31.66 45.04 7.13
CA ILE A 319 -32.71 45.16 6.13
C ILE A 319 -32.65 43.95 5.21
N ASN A 320 -33.73 43.18 5.16
CA ASN A 320 -33.79 41.98 4.34
C ASN A 320 -35.19 41.81 3.78
N LEU A 321 -35.27 41.65 2.47
CA LEU A 321 -36.53 41.32 1.82
C LEU A 321 -36.99 39.93 2.27
N ARG A 322 -38.30 39.81 2.52
CA ARG A 322 -38.84 38.54 3.02
C ARG A 322 -38.64 37.40 2.02
N ARG A 323 -38.54 37.73 0.73
CA ARG A 323 -38.37 36.69 -0.28
C ARG A 323 -36.91 36.24 -0.43
N ARG A 324 -35.96 37.02 0.06
CA ARG A 324 -34.54 36.67 -0.05
C ARG A 324 -34.12 35.87 1.18
N GLN A 325 -34.54 34.61 1.19
CA GLN A 325 -34.25 33.74 2.32
C GLN A 325 -32.77 33.37 2.38
N ASP A 326 -32.14 33.15 1.22
CA ASP A 326 -30.74 32.77 1.19
C ASP A 326 -29.86 33.84 1.82
N ARG A 327 -30.15 35.11 1.51
CA ARG A 327 -29.38 36.21 2.08
C ARG A 327 -29.56 36.28 3.59
N ARG A 328 -30.81 36.16 4.06
CA ARG A 328 -31.09 36.25 5.49
C ARG A 328 -30.32 35.20 6.27
N GLU A 329 -30.39 33.94 5.82
CA GLU A 329 -29.70 32.86 6.52
C GLU A 329 -28.19 33.08 6.52
N ARG A 330 -27.63 33.49 5.38
CA ARG A 330 -26.20 33.75 5.32
C ARG A 330 -25.80 34.86 6.28
N MET A 331 -26.58 35.94 6.32
CA MET A 331 -26.28 37.04 7.23
C MET A 331 -26.44 36.62 8.68
N LEU A 332 -27.53 35.91 9.00
CA LEU A 332 -27.75 35.47 10.38
C LEU A 332 -26.65 34.51 10.83
N ARG A 333 -26.15 33.67 9.92
CA ARG A 333 -25.02 32.81 10.26
C ARG A 333 -23.76 33.63 10.48
N ALA A 334 -23.51 34.60 9.60
CA ALA A 334 -22.31 35.42 9.73
C ALA A 334 -22.33 36.25 11.01
N LEU A 335 -23.50 36.77 11.37
CA LEU A 335 -23.61 37.56 12.59
C LEU A 335 -23.44 36.68 13.83
N GLN A 336 -24.02 35.48 13.81
CA GLN A 336 -23.86 34.57 14.94
C GLN A 336 -22.42 34.12 15.11
N ALA A 337 -21.72 33.88 14.00
CA ALA A 337 -20.30 33.52 14.08
C ALA A 337 -19.48 34.63 14.71
N GLN A 338 -19.85 35.89 14.49
CA GLN A 338 -19.14 37.02 15.07
C GLN A 338 -19.74 37.48 16.38
N GLU A 339 -20.66 36.70 16.95
CA GLU A 339 -21.32 37.02 18.22
C GLU A 339 -21.96 38.40 18.19
N ILE A 340 -22.76 38.64 17.14
CA ILE A 340 -23.44 39.91 16.93
C ILE A 340 -24.92 39.63 16.77
N GLU A 341 -25.74 40.35 17.52
CA GLU A 341 -27.19 40.22 17.47
C GLU A 341 -27.78 41.39 16.71
N CYS A 342 -28.80 41.11 15.89
CA CYS A 342 -29.40 42.12 15.04
C CYS A 342 -30.91 42.09 15.20
N ARG A 343 -31.55 43.18 14.75
CA ARG A 343 -33.00 43.27 14.66
C ARG A 343 -33.37 43.19 13.18
N LEU A 344 -33.98 42.07 12.79
CA LEU A 344 -34.30 41.81 11.40
C LEU A 344 -35.50 42.66 11.00
N VAL A 345 -35.25 43.73 10.24
CA VAL A 345 -36.30 44.59 9.72
C VAL A 345 -36.77 44.04 8.38
N GLU A 346 -38.07 43.78 8.27
CA GLU A 346 -38.63 43.33 7.01
C GLU A 346 -38.65 44.48 6.01
N ALA A 347 -37.92 44.32 4.91
CA ALA A 347 -37.77 45.39 3.94
C ALA A 347 -39.08 45.69 3.24
N VAL A 348 -39.17 46.90 2.70
CA VAL A 348 -40.33 47.33 1.92
C VAL A 348 -40.08 46.94 0.46
N ASP A 349 -40.88 46.01 -0.05
CA ASP A 349 -40.75 45.57 -1.44
C ASP A 349 -41.33 46.64 -2.34
N GLY A 350 -40.46 47.36 -3.06
CA GLY A 350 -40.92 48.43 -3.92
C GLY A 350 -41.71 47.94 -5.11
N LYS A 351 -41.42 46.73 -5.60
CA LYS A 351 -42.18 46.17 -6.71
C LYS A 351 -43.60 45.82 -6.30
N ALA A 352 -43.79 45.43 -5.03
CA ALA A 352 -45.12 45.04 -4.57
C ALA A 352 -46.06 46.23 -4.47
N MET A 353 -45.52 47.43 -4.28
CA MET A 353 -46.36 48.61 -4.13
C MET A 353 -47.01 48.98 -5.46
N ASN A 354 -48.31 49.29 -5.41
CA ASN A 354 -48.99 49.86 -6.56
C ASN A 354 -48.89 51.38 -6.51
N THR A 355 -49.22 52.01 -7.65
CA THR A 355 -49.07 53.46 -7.76
C THR A 355 -49.90 54.19 -6.71
N SER A 356 -51.08 53.65 -6.37
CA SER A 356 -51.92 54.28 -5.36
C SER A 356 -51.27 54.26 -3.99
N GLN A 357 -50.62 53.15 -3.63
CA GLN A 357 -49.93 53.08 -2.35
C GLN A 357 -48.74 54.04 -2.30
N VAL A 358 -48.09 54.27 -3.44
CA VAL A 358 -47.04 55.28 -3.51
C VAL A 358 -47.62 56.66 -3.24
N GLU A 359 -48.75 56.96 -3.89
CA GLU A 359 -49.43 58.23 -3.65
C GLU A 359 -49.97 58.34 -2.24
N ALA A 360 -50.40 57.22 -1.65
CA ALA A 360 -50.87 57.24 -0.27
C ALA A 360 -49.76 57.68 0.68
N LEU A 361 -48.52 57.29 0.38
CA LEU A 361 -47.37 57.73 1.15
C LEU A 361 -46.82 59.08 0.69
N GLY A 362 -47.41 59.67 -0.34
CA GLY A 362 -46.99 60.99 -0.82
C GLY A 362 -45.55 61.04 -1.27
N ILE A 363 -45.17 60.10 -2.13
CA ILE A 363 -43.79 59.98 -2.59
C ILE A 363 -43.70 60.56 -3.99
N GLN A 364 -42.82 61.54 -4.17
CA GLN A 364 -42.59 62.16 -5.46
C GLN A 364 -41.10 62.17 -5.75
N MET A 365 -40.74 61.75 -6.96
CA MET A 365 -39.35 61.73 -7.39
C MET A 365 -38.82 63.16 -7.49
N LEU A 366 -37.54 63.32 -7.16
CA LEU A 366 -36.89 64.61 -7.32
C LEU A 366 -36.95 65.03 -8.80
N PRO A 367 -37.47 66.20 -9.11
CA PRO A 367 -37.67 66.57 -10.52
C PRO A 367 -36.37 66.66 -11.31
N GLY A 368 -36.21 65.75 -12.27
CA GLY A 368 -35.08 65.77 -13.17
C GLY A 368 -34.02 64.72 -12.91
N TYR A 369 -34.18 63.89 -11.90
CA TYR A 369 -33.15 62.89 -11.61
C TYR A 369 -33.06 61.85 -12.72
N ARG A 370 -31.84 61.41 -12.99
CA ARG A 370 -31.59 60.29 -13.88
C ARG A 370 -30.39 59.52 -13.34
N ASP A 371 -30.38 58.22 -13.59
CA ASP A 371 -29.30 57.38 -13.11
C ASP A 371 -27.96 57.87 -13.66
N PRO A 372 -26.94 58.03 -12.82
CA PRO A 372 -25.64 58.52 -13.31
C PRO A 372 -24.97 57.59 -14.32
N TYR A 373 -25.46 56.37 -14.51
CA TYR A 373 -24.82 55.39 -15.37
C TYR A 373 -25.61 55.14 -16.65
N HIS A 374 -26.84 54.62 -16.54
CA HIS A 374 -27.67 54.36 -17.72
C HIS A 374 -28.80 55.36 -17.89
N GLY A 375 -28.99 56.28 -16.95
CA GLY A 375 -29.92 57.39 -17.13
C GLY A 375 -31.36 57.11 -16.77
N ARG A 376 -31.68 55.92 -16.26
CA ARG A 376 -33.06 55.59 -15.95
C ARG A 376 -33.53 56.35 -14.71
N PRO A 377 -34.83 56.64 -14.62
CA PRO A 377 -35.35 57.30 -13.42
C PRO A 377 -35.34 56.40 -12.19
N LEU A 378 -35.84 56.89 -11.07
CA LEU A 378 -35.91 56.09 -9.85
C LEU A 378 -36.74 54.84 -10.09
N THR A 379 -36.23 53.71 -9.60
CA THR A 379 -36.92 52.43 -9.75
C THR A 379 -37.78 52.15 -8.52
N LYS A 380 -38.72 51.21 -8.69
CA LYS A 380 -39.56 50.81 -7.58
C LYS A 380 -38.72 50.21 -6.45
N GLY A 381 -37.73 49.39 -6.80
CA GLY A 381 -36.88 48.81 -5.78
C GLY A 381 -36.09 49.84 -5.00
N GLU A 382 -35.49 50.80 -5.71
CA GLU A 382 -34.79 51.91 -5.05
C GLU A 382 -35.74 52.67 -4.13
N LEU A 383 -37.00 52.81 -4.55
CA LEU A 383 -38.01 53.44 -3.70
C LEU A 383 -38.19 52.66 -2.40
N GLY A 384 -38.38 51.35 -2.51
CA GLY A 384 -38.53 50.54 -1.31
C GLY A 384 -37.28 50.52 -0.45
N CYS A 385 -36.11 50.48 -1.09
CA CYS A 385 -34.85 50.55 -0.35
C CYS A 385 -34.77 51.84 0.47
N PHE A 386 -35.14 52.96 -0.16
CA PHE A 386 -35.18 54.24 0.56
C PHE A 386 -36.20 54.18 1.70
N LEU A 387 -37.34 53.54 1.46
CA LEU A 387 -38.39 53.50 2.48
C LEU A 387 -37.96 52.67 3.69
N SER A 388 -37.25 51.56 3.45
CA SER A 388 -36.79 50.73 4.56
C SER A 388 -35.80 51.48 5.44
N HIS A 389 -34.82 52.15 4.82
CA HIS A 389 -33.92 53.00 5.58
C HIS A 389 -34.67 54.13 6.27
N TYR A 390 -35.60 54.77 5.55
CA TYR A 390 -36.41 55.83 6.14
C TYR A 390 -37.15 55.34 7.38
N ASN A 391 -37.75 54.15 7.29
CA ASN A 391 -38.49 53.61 8.43
C ASN A 391 -37.56 53.36 9.62
N ILE A 392 -36.33 52.93 9.35
CA ILE A 392 -35.36 52.75 10.44
C ILE A 392 -34.99 54.09 11.05
N TRP A 393 -34.88 55.13 10.22
CA TRP A 393 -34.61 56.48 10.73
C TRP A 393 -35.72 56.93 11.68
N LYS A 394 -36.98 56.65 11.32
CA LYS A 394 -38.09 56.98 12.21
C LYS A 394 -37.99 56.22 13.53
N GLU A 395 -37.65 54.93 13.46
CA GLU A 395 -37.57 54.11 14.67
C GLU A 395 -36.42 54.57 15.57
N VAL A 396 -35.34 55.08 14.98
CA VAL A 396 -34.25 55.61 15.79
C VAL A 396 -34.71 56.81 16.60
N VAL A 397 -35.47 57.72 15.96
CA VAL A 397 -36.00 58.88 16.67
C VAL A 397 -37.10 58.46 17.64
N ASP A 398 -37.95 57.53 17.24
CA ASP A 398 -39.06 57.10 18.10
C ASP A 398 -38.54 56.44 19.36
N ARG A 399 -37.58 55.54 19.23
CA ARG A 399 -36.99 54.86 20.37
C ARG A 399 -35.88 55.65 21.04
N GLY A 400 -35.48 56.79 20.47
CA GLY A 400 -34.42 57.59 21.06
C GLY A 400 -33.08 56.90 21.05
N LEU A 401 -32.77 56.18 19.98
CA LEU A 401 -31.52 55.44 19.88
C LEU A 401 -30.38 56.41 19.56
N GLN A 402 -29.41 56.50 20.47
CA GLN A 402 -28.29 57.43 20.28
C GLN A 402 -27.42 57.00 19.10
N LYS A 403 -26.93 55.76 19.12
CA LYS A 403 -26.14 55.23 18.03
C LYS A 403 -26.71 53.88 17.59
N SER A 404 -26.96 53.75 16.29
CA SER A 404 -27.51 52.53 15.71
C SER A 404 -26.72 52.18 14.46
N LEU A 405 -26.52 50.88 14.24
CA LEU A 405 -25.81 50.37 13.08
C LEU A 405 -26.80 49.65 12.16
N VAL A 406 -26.76 49.99 10.88
CA VAL A 406 -27.70 49.47 9.89
C VAL A 406 -26.94 48.59 8.91
N PHE A 407 -27.46 47.40 8.67
CA PHE A 407 -26.88 46.43 7.75
C PHE A 407 -27.82 46.18 6.58
N GLU A 408 -27.23 45.86 5.43
CA GLU A 408 -27.96 45.26 4.33
C GLU A 408 -27.71 43.75 4.34
N ASP A 409 -28.34 43.04 3.40
CA ASP A 409 -28.41 41.58 3.45
C ASP A 409 -27.43 40.91 2.49
N ASP A 410 -26.40 41.61 2.04
CA ASP A 410 -25.48 41.03 1.05
C ASP A 410 -24.10 41.65 1.20
N LEU A 411 -23.46 41.47 2.36
CA LEU A 411 -22.20 42.11 2.63
C LEU A 411 -21.19 41.13 3.22
N ARG A 412 -19.93 41.36 2.87
CA ARG A 412 -18.81 40.52 3.30
C ARG A 412 -18.07 41.21 4.44
N PHE A 413 -17.91 40.51 5.56
CA PHE A 413 -17.31 41.11 6.74
C PHE A 413 -15.79 41.04 6.67
N GLU A 414 -15.13 42.14 7.00
CA GLU A 414 -13.68 42.14 7.12
C GLU A 414 -13.25 41.38 8.37
N ILE A 415 -11.96 41.05 8.43
CA ILE A 415 -11.41 40.36 9.59
C ILE A 415 -11.40 41.31 10.79
N PHE A 416 -11.64 40.75 11.98
CA PHE A 416 -11.67 41.50 13.22
C PHE A 416 -12.71 42.61 13.20
N PHE A 417 -13.84 42.37 12.51
CA PHE A 417 -14.83 43.41 12.30
C PHE A 417 -15.39 43.93 13.62
N LYS A 418 -15.80 43.01 14.50
CA LYS A 418 -16.47 43.43 15.74
C LYS A 418 -15.54 44.30 16.60
N ARG A 419 -14.32 43.84 16.83
CA ARG A 419 -13.39 44.61 17.65
C ARG A 419 -13.01 45.93 16.97
N ARG A 420 -12.85 45.92 15.64
CA ARG A 420 -12.44 47.14 14.96
C ARG A 420 -13.54 48.18 14.95
N LEU A 421 -14.80 47.75 14.80
CA LEU A 421 -15.89 48.71 14.82
C LEU A 421 -16.15 49.22 16.23
N MET A 422 -16.01 48.35 17.24
CA MET A 422 -16.18 48.78 18.62
C MET A 422 -15.09 49.75 19.03
N ASN A 423 -13.85 49.49 18.60
CA ASN A 423 -12.75 50.39 18.94
C ASN A 423 -12.95 51.76 18.30
N LEU A 424 -13.49 51.80 17.07
CA LEU A 424 -13.72 53.08 16.41
C LEU A 424 -14.75 53.91 17.16
N MET A 425 -15.89 53.29 17.50
CA MET A 425 -16.92 54.01 18.25
C MET A 425 -16.38 54.48 19.60
N ARG A 426 -15.56 53.65 20.24
CA ARG A 426 -14.95 54.05 21.51
C ARG A 426 -14.06 55.28 21.34
N ASP A 427 -13.30 55.34 20.24
CA ASP A 427 -12.47 56.50 19.99
C ASP A 427 -13.31 57.72 19.61
N VAL A 428 -14.42 57.50 18.90
CA VAL A 428 -15.30 58.61 18.51
C VAL A 428 -15.90 59.26 19.75
N GLU A 429 -16.45 58.44 20.66
CA GLU A 429 -17.10 58.98 21.85
C GLU A 429 -16.09 59.59 22.81
N ARG A 430 -14.85 59.09 22.80
CA ARG A 430 -13.82 59.63 23.71
C ARG A 430 -13.38 61.02 23.28
N GLU A 431 -13.44 61.31 21.98
CA GLU A 431 -13.04 62.62 21.46
C GLU A 431 -14.20 63.60 21.33
N GLY A 432 -15.43 63.16 21.64
CA GLY A 432 -16.57 64.05 21.56
C GLY A 432 -16.87 64.54 20.16
N LEU A 433 -16.65 63.71 19.15
CA LEU A 433 -16.91 64.12 17.78
C LEU A 433 -18.40 64.28 17.53
N ASP A 434 -18.77 65.41 16.94
CA ASP A 434 -20.16 65.65 16.54
C ASP A 434 -20.39 64.93 15.22
N TRP A 435 -20.93 63.72 15.28
CA TRP A 435 -21.12 62.89 14.09
C TRP A 435 -22.60 62.58 13.90
N ASP A 436 -23.02 62.52 12.64
CA ASP A 436 -24.36 62.12 12.25
C ASP A 436 -24.39 60.78 11.52
N LEU A 437 -23.40 60.52 10.67
CA LEU A 437 -23.37 59.33 9.83
C LEU A 437 -21.93 58.83 9.75
N ILE A 438 -21.74 57.53 9.90
CA ILE A 438 -20.42 56.91 9.79
C ILE A 438 -20.55 55.72 8.83
N TYR A 439 -19.97 55.86 7.64
CA TYR A 439 -19.96 54.76 6.68
C TYR A 439 -19.10 53.61 7.20
N VAL A 440 -19.67 52.41 7.18
CA VAL A 440 -18.89 51.19 7.41
C VAL A 440 -18.59 50.48 6.11
N GLY A 441 -19.53 50.48 5.18
CA GLY A 441 -19.32 49.97 3.83
C GLY A 441 -19.88 50.92 2.79
N ARG A 442 -19.04 51.37 1.86
CA ARG A 442 -19.44 52.36 0.88
C ARG A 442 -18.57 52.19 -0.37
N LYS A 443 -18.88 52.98 -1.40
CA LYS A 443 -18.04 53.09 -2.59
C LYS A 443 -17.46 54.50 -2.61
N ARG A 444 -16.16 54.61 -2.31
CA ARG A 444 -15.51 55.90 -2.28
C ARG A 444 -15.28 56.43 -3.69
N MET A 445 -15.74 57.64 -3.96
CA MET A 445 -15.63 58.23 -5.29
C MET A 445 -14.48 59.22 -5.43
N GLN A 446 -14.15 59.95 -4.37
CA GLN A 446 -12.96 60.80 -4.37
C GLN A 446 -11.74 59.90 -4.19
N VAL A 447 -11.07 59.59 -5.29
CA VAL A 447 -9.94 58.68 -5.28
C VAL A 447 -8.64 59.32 -5.75
N GLU A 448 -8.67 60.56 -6.25
CA GLU A 448 -7.45 61.18 -6.72
C GLU A 448 -6.52 61.54 -5.56
N HIS A 449 -7.08 61.86 -4.40
CA HIS A 449 -6.31 62.22 -3.23
C HIS A 449 -7.00 61.66 -2.00
N PRO A 450 -6.26 61.43 -0.90
CA PRO A 450 -6.89 60.90 0.30
C PRO A 450 -7.91 61.87 0.89
N GLU A 451 -8.91 61.31 1.55
CA GLU A 451 -9.94 62.12 2.18
C GLU A 451 -9.42 62.68 3.50
N LYS A 452 -10.08 63.75 3.96
CA LYS A 452 -9.59 64.50 5.10
C LYS A 452 -9.68 63.67 6.37
N ALA A 453 -8.56 63.53 7.08
CA ALA A 453 -8.53 62.74 8.29
C ALA A 453 -9.16 63.49 9.45
N VAL A 454 -9.75 62.73 10.38
CA VAL A 454 -10.36 63.29 11.57
C VAL A 454 -9.30 63.36 12.66
N PRO A 455 -8.97 64.53 13.19
CA PRO A 455 -7.93 64.63 14.21
C PRO A 455 -8.30 63.85 15.47
N ARG A 456 -7.31 63.13 16.00
CA ARG A 456 -7.38 62.39 17.26
C ARG A 456 -8.30 61.18 17.21
N VAL A 457 -8.75 60.77 16.02
CA VAL A 457 -9.58 59.58 15.84
C VAL A 457 -8.97 58.76 14.70
N ARG A 458 -8.28 57.68 15.05
CA ARG A 458 -7.65 56.85 14.03
C ARG A 458 -8.69 56.10 13.22
N ASN A 459 -8.32 55.80 11.96
CA ASN A 459 -9.15 55.01 11.05
C ASN A 459 -10.49 55.67 10.75
N LEU A 460 -10.53 57.00 10.80
CA LEU A 460 -11.75 57.73 10.49
C LEU A 460 -11.41 58.92 9.60
N VAL A 461 -12.22 59.14 8.57
CA VAL A 461 -12.03 60.23 7.62
C VAL A 461 -13.34 60.97 7.43
N GLU A 462 -13.23 62.18 6.90
CA GLU A 462 -14.42 62.94 6.50
C GLU A 462 -14.89 62.42 5.14
N ALA A 463 -16.14 61.95 5.10
CA ALA A 463 -16.65 61.29 3.90
C ALA A 463 -16.84 62.29 2.77
N ASP A 464 -16.19 62.03 1.64
CA ASP A 464 -16.44 62.78 0.42
C ASP A 464 -17.60 62.10 -0.33
N TYR A 465 -17.68 62.31 -1.64
CA TYR A 465 -18.76 61.69 -2.40
C TYR A 465 -18.67 60.17 -2.30
N SER A 466 -19.75 59.55 -1.84
CA SER A 466 -19.82 58.11 -1.67
C SER A 466 -21.07 57.60 -2.37
N TYR A 467 -21.16 56.29 -2.55
CA TYR A 467 -22.21 55.74 -3.39
C TYR A 467 -22.55 54.30 -3.00
N TRP A 468 -22.91 54.09 -1.73
CA TRP A 468 -23.43 52.80 -1.28
C TRP A 468 -24.06 52.98 0.10
N THR A 469 -24.93 52.03 0.45
CA THR A 469 -25.59 51.99 1.75
C THR A 469 -25.53 50.58 2.34
N LEU A 470 -24.41 49.89 2.12
CA LEU A 470 -24.26 48.54 2.65
C LEU A 470 -24.36 48.53 4.17
N ALA A 471 -23.52 49.34 4.84
CA ALA A 471 -23.49 49.39 6.28
C ALA A 471 -23.08 50.79 6.72
N TYR A 472 -23.71 51.28 7.77
CA TYR A 472 -23.38 52.59 8.31
C TYR A 472 -23.89 52.69 9.75
N VAL A 473 -23.29 53.62 10.49
CA VAL A 473 -23.76 53.98 11.83
C VAL A 473 -24.42 55.35 11.72
N ILE A 474 -25.52 55.52 12.45
CA ILE A 474 -26.30 56.74 12.39
C ILE A 474 -26.63 57.20 13.80
N SER A 475 -26.51 58.50 14.04
CA SER A 475 -26.80 59.07 15.35
C SER A 475 -28.26 59.52 15.42
N LEU A 476 -28.71 59.76 16.65
CA LEU A 476 -30.06 60.28 16.83
C LEU A 476 -30.20 61.66 16.19
N GLN A 477 -29.17 62.49 16.32
CA GLN A 477 -29.17 63.79 15.64
C GLN A 477 -29.22 63.62 14.13
N GLY A 478 -28.40 62.71 13.59
CA GLY A 478 -28.38 62.49 12.15
C GLY A 478 -29.68 61.94 11.62
N ALA A 479 -30.34 61.09 12.41
CA ALA A 479 -31.65 60.57 11.99
C ALA A 479 -32.68 61.69 11.90
N ARG A 480 -32.64 62.64 12.84
CA ARG A 480 -33.54 63.79 12.79
C ARG A 480 -33.27 64.65 11.57
N LYS A 481 -31.99 64.85 11.22
CA LYS A 481 -31.64 65.71 10.09
C LYS A 481 -32.20 65.16 8.79
N LEU A 482 -32.14 63.84 8.61
CA LEU A 482 -32.68 63.24 7.39
C LEU A 482 -34.19 63.40 7.32
N LEU A 483 -34.89 63.08 8.41
CA LEU A 483 -36.33 63.27 8.46
C LEU A 483 -36.71 64.74 8.31
N ALA A 484 -35.85 65.64 8.80
CA ALA A 484 -36.13 67.07 8.69
C ALA A 484 -36.12 67.53 7.24
N ALA A 485 -35.23 66.95 6.42
CA ALA A 485 -35.18 67.33 5.01
C ALA A 485 -36.44 66.93 4.26
N GLU A 486 -37.23 65.99 4.80
CA GLU A 486 -38.46 65.50 4.19
C GLU A 486 -38.20 65.08 2.76
N PRO A 487 -37.42 64.01 2.54
CA PRO A 487 -37.00 63.66 1.18
C PRO A 487 -38.05 62.94 0.36
N LEU A 488 -39.22 62.63 0.93
CA LEU A 488 -40.21 61.85 0.19
C LEU A 488 -40.80 62.63 -0.98
N SER A 489 -40.91 63.95 -0.84
CA SER A 489 -41.41 64.79 -1.93
C SER A 489 -40.40 65.00 -3.05
N LYS A 490 -39.12 64.71 -2.78
CA LYS A 490 -38.04 64.91 -3.74
C LYS A 490 -37.08 63.73 -3.67
N MET A 491 -37.63 62.52 -3.83
CA MET A 491 -36.90 61.31 -3.48
C MET A 491 -35.78 61.02 -4.48
N LEU A 492 -34.60 60.71 -3.95
CA LEU A 492 -33.44 60.26 -4.71
C LEU A 492 -33.07 58.87 -4.24
N PRO A 493 -32.20 58.15 -4.96
CA PRO A 493 -31.61 56.94 -4.37
C PRO A 493 -30.88 57.29 -3.08
N VAL A 494 -31.06 56.43 -2.07
CA VAL A 494 -30.59 56.77 -0.73
C VAL A 494 -29.08 56.99 -0.72
N ASP A 495 -28.33 56.21 -1.53
CA ASP A 495 -26.89 56.40 -1.60
C ASP A 495 -26.50 57.71 -2.30
N GLU A 496 -27.45 58.40 -2.93
CA GLU A 496 -27.25 59.74 -3.43
C GLU A 496 -27.89 60.80 -2.54
N PHE A 497 -28.93 60.43 -1.78
CA PHE A 497 -29.56 61.37 -0.87
C PHE A 497 -28.62 61.77 0.26
N LEU A 498 -27.84 60.81 0.77
CA LEU A 498 -26.88 61.13 1.82
C LEU A 498 -25.80 62.11 1.36
N PRO A 499 -25.08 61.87 0.25
CA PRO A 499 -24.08 62.86 -0.19
C PRO A 499 -24.65 64.23 -0.46
N VAL A 500 -25.94 64.33 -0.78
CA VAL A 500 -26.59 65.64 -0.80
C VAL A 500 -26.62 66.23 0.59
N MET A 501 -26.94 65.42 1.60
CA MET A 501 -27.16 65.95 2.94
C MET A 501 -25.86 66.38 3.62
N PHE A 502 -24.72 65.79 3.26
CA PHE A 502 -23.44 66.37 3.68
C PHE A 502 -22.74 67.10 2.55
N ASP A 503 -23.49 67.52 1.53
CA ASP A 503 -23.06 68.56 0.57
C ASP A 503 -21.82 68.13 -0.20
N LYS A 504 -21.85 66.91 -0.73
CA LYS A 504 -20.77 66.40 -1.55
C LYS A 504 -21.24 65.90 -2.91
N HIS A 505 -22.55 65.89 -3.15
CA HIS A 505 -23.06 65.37 -4.41
C HIS A 505 -22.63 66.28 -5.56
N PRO A 506 -22.19 65.72 -6.69
CA PRO A 506 -21.68 66.56 -7.78
C PRO A 506 -22.75 67.37 -8.48
N VAL A 507 -23.98 66.87 -8.57
CA VAL A 507 -25.05 67.59 -9.23
C VAL A 507 -25.53 68.71 -8.32
N SER A 508 -25.26 69.95 -8.70
CA SER A 508 -25.73 71.08 -7.91
C SER A 508 -27.25 71.21 -7.97
N GLU A 509 -27.87 70.73 -9.05
CA GLU A 509 -29.32 70.83 -9.18
C GLU A 509 -30.03 69.99 -8.14
N TYR A 510 -29.48 68.82 -7.81
CA TYR A 510 -30.08 67.98 -6.79
C TYR A 510 -29.97 68.63 -5.41
N LYS A 511 -28.77 69.10 -5.06
CA LYS A 511 -28.56 69.74 -3.76
C LYS A 511 -29.38 71.01 -3.61
N ALA A 512 -29.81 71.63 -4.72
CA ALA A 512 -30.60 72.85 -4.63
C ALA A 512 -31.99 72.59 -4.09
N HIS A 513 -32.55 71.40 -4.33
CA HIS A 513 -33.86 71.06 -3.80
C HIS A 513 -33.85 70.89 -2.29
N PHE A 514 -32.67 70.73 -1.69
CA PHE A 514 -32.53 70.50 -0.26
C PHE A 514 -31.88 71.73 0.36
N SER A 515 -32.68 72.51 1.11
CA SER A 515 -32.23 73.81 1.59
C SER A 515 -31.10 73.68 2.61
N LEU A 516 -31.21 72.73 3.53
CA LEU A 516 -30.23 72.56 4.60
C LEU A 516 -29.49 71.25 4.41
N ARG A 517 -28.18 71.33 4.23
CA ARG A 517 -27.32 70.17 4.00
C ARG A 517 -26.18 70.20 5.02
N ASN A 518 -26.52 69.99 6.28
CA ASN A 518 -25.59 70.13 7.39
C ASN A 518 -25.23 68.79 8.04
N LEU A 519 -25.36 67.69 7.30
CA LEU A 519 -25.10 66.37 7.86
C LEU A 519 -23.61 66.17 8.06
N HIS A 520 -23.24 65.64 9.23
CA HIS A 520 -21.84 65.33 9.55
C HIS A 520 -21.62 63.85 9.28
N ALA A 521 -21.01 63.53 8.14
CA ALA A 521 -20.84 62.15 7.71
C ALA A 521 -19.36 61.81 7.60
N PHE A 522 -19.00 60.64 8.14
CA PHE A 522 -17.63 60.14 8.15
C PHE A 522 -17.63 58.73 7.60
N SER A 523 -16.43 58.18 7.42
CA SER A 523 -16.28 56.81 6.93
C SER A 523 -15.12 56.14 7.66
N VAL A 524 -15.26 54.84 7.88
CA VAL A 524 -14.16 54.05 8.40
C VAL A 524 -13.07 53.95 7.34
N GLU A 525 -11.81 54.00 7.78
CA GLU A 525 -10.70 53.91 6.85
C GLU A 525 -9.61 53.00 7.41
N PRO A 526 -9.39 51.82 6.82
CA PRO A 526 -10.06 51.26 5.64
C PRO A 526 -11.46 50.76 5.95
N LEU A 527 -12.22 50.36 4.94
CA LEU A 527 -13.59 49.91 5.16
C LEU A 527 -13.62 48.56 5.85
N LEU A 528 -14.71 48.31 6.57
CA LEU A 528 -14.90 47.05 7.29
C LEU A 528 -15.88 46.11 6.62
N ILE A 529 -16.60 46.58 5.60
CA ILE A 529 -17.63 45.79 4.94
C ILE A 529 -17.63 46.08 3.45
N TYR A 530 -17.69 45.03 2.65
CA TYR A 530 -17.73 45.09 1.20
C TYR A 530 -18.90 44.26 0.69
N PRO A 531 -19.33 44.48 -0.55
CA PRO A 531 -20.38 43.61 -1.10
C PRO A 531 -19.87 42.20 -1.32
N THR A 532 -20.78 41.24 -1.18
CA THR A 532 -20.44 39.85 -1.47
C THR A 532 -20.22 39.65 -2.97
N HIS A 533 -21.22 40.01 -3.77
CA HIS A 533 -21.14 39.91 -5.22
C HIS A 533 -21.13 41.31 -5.82
N TYR A 534 -20.25 41.52 -6.80
CA TYR A 534 -20.24 42.73 -7.60
C TYR A 534 -21.02 42.50 -8.89
N THR A 535 -21.29 43.59 -9.60
CA THR A 535 -22.03 43.50 -10.85
C THR A 535 -21.25 42.66 -11.86
N GLY A 536 -21.89 41.64 -12.41
CA GLY A 536 -21.27 40.71 -13.32
C GLY A 536 -20.82 39.41 -12.68
N ASP A 537 -20.67 39.39 -11.36
CA ASP A 537 -20.30 38.17 -10.66
C ASP A 537 -21.45 37.17 -10.69
N ASP A 538 -21.10 35.89 -10.62
CA ASP A 538 -22.11 34.83 -10.65
C ASP A 538 -22.94 34.87 -9.38
N GLY A 539 -24.25 35.00 -9.53
CA GLY A 539 -25.15 35.07 -8.40
C GLY A 539 -25.48 36.48 -7.95
N TYR A 540 -25.01 37.50 -8.65
CA TYR A 540 -25.28 38.88 -8.27
C TYR A 540 -26.76 39.18 -8.42
N VAL A 541 -27.33 39.79 -7.39
CA VAL A 541 -28.75 40.15 -7.35
C VAL A 541 -28.88 41.59 -6.89
N SER A 542 -29.59 42.40 -7.68
CA SER A 542 -29.83 43.81 -7.38
C SER A 542 -31.33 44.07 -7.53
N ASP A 543 -32.08 43.80 -6.47
CA ASP A 543 -33.56 43.97 -6.52
C ASP A 543 -33.87 45.46 -6.67
N THR A 544 -32.90 46.33 -6.38
CA THR A 544 -33.12 47.78 -6.59
C THR A 544 -33.13 48.05 -8.08
N GLU A 545 -32.16 47.49 -8.81
CA GLU A 545 -32.09 47.65 -10.28
C GLU A 545 -32.82 46.48 -10.95
N THR A 546 -34.15 46.45 -10.86
CA THR A 546 -34.94 45.40 -11.54
C THR A 546 -35.60 46.00 -12.75
N SER A 547 -35.01 47.05 -13.32
CA SER A 547 -35.54 47.70 -14.54
C SER A 547 -37.06 47.90 -14.42
N VAL A 548 -37.50 48.58 -13.36
CA VAL A 548 -38.96 48.85 -13.14
C VAL A 548 -39.12 50.26 -12.56
N VAL A 549 -39.52 51.24 -13.39
CA VAL A 549 -39.63 52.66 -12.92
C VAL A 549 -40.66 52.75 -11.79
N TRP A 550 -40.44 53.66 -10.83
CA TRP A 550 -41.35 53.82 -9.68
C TRP A 550 -42.71 54.34 -10.14
N ASN A 551 -42.72 55.28 -11.10
CA ASN A 551 -44.00 55.92 -11.52
C ASN A 551 -45.07 54.85 -11.77
N ASN A 552 -44.76 53.91 -12.66
CA ASN A 552 -45.75 52.84 -13.02
C ASN A 552 -45.00 51.61 -13.52
N GLU A 553 -45.73 50.51 -13.76
CA GLU A 553 -45.10 49.28 -14.29
C GLU A 553 -43.99 49.64 -15.29
N ARG B 15 7.21 22.68 -17.37
CA ARG B 15 8.45 22.16 -16.82
C ARG B 15 8.38 20.66 -16.57
N TRP B 16 8.94 19.88 -17.48
CA TRP B 16 9.01 18.44 -17.27
C TRP B 16 10.05 18.12 -16.20
N SER B 17 9.68 17.24 -15.27
CA SER B 17 10.62 16.75 -14.28
C SER B 17 10.36 15.27 -14.08
N PRO B 18 11.37 14.42 -14.25
CA PRO B 18 11.15 12.98 -14.12
C PRO B 18 10.89 12.59 -12.68
N GLU B 19 10.03 11.58 -12.52
CA GLU B 19 9.79 10.98 -11.21
C GLU B 19 10.72 9.79 -11.02
N SER B 20 11.19 9.61 -9.78
CA SER B 20 12.05 8.51 -9.47
C SER B 20 11.28 7.19 -9.57
N PRO B 21 11.99 6.06 -9.66
CA PRO B 21 11.28 4.77 -9.78
C PRO B 21 10.42 4.47 -8.57
N LEU B 22 9.41 3.63 -8.79
CA LEU B 22 8.62 3.13 -7.68
C LEU B 22 9.39 2.05 -6.94
N GLN B 23 9.22 1.99 -5.63
CA GLN B 23 9.79 0.90 -4.87
C GLN B 23 9.02 -0.39 -5.17
N ALA B 24 9.71 -1.53 -4.97
CA ALA B 24 9.11 -2.82 -5.25
C ALA B 24 7.87 -3.05 -4.38
N PRO B 25 6.97 -3.92 -4.81
CA PRO B 25 5.80 -4.23 -3.96
C PRO B 25 6.22 -4.77 -2.61
N ARG B 26 5.35 -4.57 -1.62
CA ARG B 26 5.61 -4.99 -0.25
C ARG B 26 4.99 -6.36 -0.02
N VAL B 27 5.83 -7.35 0.28
CA VAL B 27 5.42 -8.75 0.36
C VAL B 27 5.76 -9.28 1.74
N LEU B 28 4.79 -9.94 2.38
CA LEU B 28 5.00 -10.67 3.61
C LEU B 28 5.14 -12.15 3.29
N ILE B 29 6.25 -12.76 3.72
CA ILE B 29 6.48 -14.18 3.55
C ILE B 29 6.03 -14.88 4.83
N ALA B 30 4.97 -15.67 4.72
CA ALA B 30 4.39 -16.38 5.86
C ALA B 30 4.89 -17.82 5.85
N LEU B 31 5.54 -18.23 6.94
CA LEU B 31 6.14 -19.56 7.05
C LEU B 31 5.59 -20.27 8.28
N LEU B 32 4.84 -21.35 8.05
CA LEU B 32 4.44 -22.27 9.11
C LEU B 32 5.41 -23.45 9.11
N ALA B 33 6.04 -23.70 10.25
CA ALA B 33 7.05 -24.75 10.36
C ALA B 33 6.70 -25.69 11.52
N ARG B 34 6.52 -26.97 11.22
CA ARG B 34 6.40 -28.01 12.23
C ARG B 34 7.20 -29.22 11.77
N ASN B 35 8.13 -29.68 12.60
CA ASN B 35 8.97 -30.84 12.30
C ASN B 35 9.64 -30.66 10.94
N ALA B 36 10.32 -29.52 10.77
CA ALA B 36 10.89 -29.14 9.49
C ALA B 36 12.38 -28.88 9.54
N ALA B 37 13.04 -29.20 10.66
CA ALA B 37 14.46 -28.91 10.81
C ALA B 37 15.28 -29.55 9.70
N HIS B 38 14.83 -30.69 9.17
CA HIS B 38 15.56 -31.35 8.10
C HIS B 38 15.60 -30.52 6.82
N ALA B 39 14.59 -29.67 6.61
CA ALA B 39 14.45 -28.94 5.36
C ALA B 39 14.85 -27.47 5.46
N LEU B 40 14.78 -26.88 6.66
CA LEU B 40 15.01 -25.44 6.82
C LEU B 40 16.36 -24.96 6.28
N PRO B 41 17.50 -25.62 6.53
CA PRO B 41 18.77 -25.07 6.02
C PRO B 41 18.76 -24.82 4.52
N THR B 42 18.07 -25.67 3.76
CA THR B 42 17.93 -25.48 2.32
C THR B 42 16.75 -24.59 1.97
N THR B 43 15.61 -24.78 2.65
CA THR B 43 14.42 -24.00 2.37
C THR B 43 14.62 -22.53 2.77
N LEU B 44 15.17 -22.29 3.95
CA LEU B 44 15.39 -20.91 4.39
C LEU B 44 16.49 -20.24 3.58
N GLY B 45 17.53 -21.00 3.19
CA GLY B 45 18.55 -20.44 2.32
C GLY B 45 17.99 -19.96 1.00
N ALA B 46 17.02 -20.70 0.45
CA ALA B 46 16.37 -20.28 -0.79
C ALA B 46 15.59 -18.99 -0.58
N LEU B 47 14.95 -18.83 0.57
CA LEU B 47 14.16 -17.63 0.84
C LEU B 47 15.05 -16.41 0.99
N GLU B 48 16.21 -16.56 1.64
CA GLU B 48 17.18 -15.46 1.73
C GLU B 48 17.51 -14.91 0.35
N ARG B 49 17.84 -15.80 -0.58
CA ARG B 49 18.36 -15.44 -1.88
C ARG B 49 17.28 -15.08 -2.89
N LEU B 50 16.03 -14.93 -2.45
CA LEU B 50 14.99 -14.42 -3.34
C LEU B 50 15.35 -13.03 -3.82
N ARG B 51 15.32 -12.83 -5.14
CA ARG B 51 15.66 -11.53 -5.71
C ARG B 51 14.43 -10.63 -5.61
N HIS B 52 14.27 -10.04 -4.43
CA HIS B 52 13.24 -9.06 -4.11
C HIS B 52 13.77 -8.25 -2.93
N PRO B 53 13.67 -6.91 -2.97
CA PRO B 53 14.28 -6.09 -1.92
C PRO B 53 13.80 -6.50 -0.53
N ARG B 54 14.76 -6.70 0.37
CA ARG B 54 14.45 -7.18 1.71
C ARG B 54 13.80 -6.09 2.56
N GLU B 55 14.09 -4.82 2.27
CA GLU B 55 13.39 -3.73 2.93
C GLU B 55 11.92 -3.66 2.54
N ARG B 56 11.55 -4.27 1.41
CA ARG B 56 10.16 -4.41 0.99
C ARG B 56 9.61 -5.79 1.30
N THR B 57 10.27 -6.53 2.18
CA THR B 57 9.87 -7.88 2.56
C THR B 57 9.76 -7.98 4.07
N ALA B 58 8.74 -8.69 4.54
CA ALA B 58 8.54 -8.95 5.95
C ALA B 58 8.39 -10.45 6.18
N LEU B 59 8.74 -10.88 7.39
CA LEU B 59 8.76 -12.31 7.73
C LEU B 59 7.76 -12.57 8.84
N TRP B 60 6.93 -13.60 8.63
CA TRP B 60 5.94 -14.06 9.61
C TRP B 60 6.16 -15.56 9.80
N VAL B 61 6.59 -15.95 10.99
CA VAL B 61 7.00 -17.32 11.26
C VAL B 61 6.26 -17.83 12.50
N ALA B 62 5.65 -19.01 12.37
CA ALA B 62 4.96 -19.66 13.47
C ALA B 62 5.37 -21.12 13.51
N THR B 63 5.80 -21.59 14.69
CA THR B 63 6.22 -22.97 14.88
C THR B 63 5.64 -23.50 16.19
N ASP B 64 5.31 -24.80 16.18
CA ASP B 64 4.67 -25.43 17.33
C ASP B 64 4.58 -26.92 17.07
N HIS B 65 4.33 -27.68 18.14
CA HIS B 65 4.15 -29.14 18.07
C HIS B 65 5.35 -29.82 17.43
N ASN B 66 6.55 -29.47 17.90
CA ASN B 66 7.79 -29.93 17.31
C ASN B 66 8.39 -31.07 18.12
N MET B 67 8.73 -32.16 17.43
CA MET B 67 9.53 -33.24 18.02
C MET B 67 11.02 -33.07 17.77
N ASP B 68 11.40 -32.25 16.79
CA ASP B 68 12.78 -31.94 16.48
C ASP B 68 13.12 -30.53 16.96
N ASN B 69 14.29 -30.04 16.57
CA ASN B 69 14.76 -28.72 16.98
C ASN B 69 14.39 -27.65 15.96
N THR B 70 13.13 -27.67 15.51
CA THR B 70 12.69 -26.73 14.49
C THR B 70 12.77 -25.29 14.99
N SER B 71 12.23 -25.04 16.19
CA SER B 71 12.21 -23.68 16.72
C SER B 71 13.62 -23.14 16.96
N THR B 72 14.54 -24.01 17.39
CA THR B 72 15.92 -23.59 17.58
C THR B 72 16.54 -23.16 16.26
N VAL B 73 16.41 -23.99 15.23
CA VAL B 73 16.95 -23.65 13.92
C VAL B 73 16.35 -22.35 13.40
N LEU B 74 15.03 -22.21 13.54
CA LEU B 74 14.35 -21.01 13.06
C LEU B 74 14.83 -19.76 13.76
N ARG B 75 14.91 -19.81 15.11
CA ARG B 75 15.28 -18.62 15.86
C ARG B 75 16.70 -18.17 15.54
N GLU B 76 17.60 -19.12 15.29
CA GLU B 76 18.96 -18.75 14.91
C GLU B 76 18.99 -18.09 13.55
N TRP B 77 18.14 -18.55 12.62
CA TRP B 77 18.07 -17.93 11.32
C TRP B 77 17.46 -16.53 11.40
N LEU B 78 16.37 -16.39 12.17
CA LEU B 78 15.74 -15.08 12.31
C LEU B 78 16.67 -14.09 13.01
N VAL B 79 17.42 -14.56 14.01
CA VAL B 79 18.40 -13.70 14.67
C VAL B 79 19.39 -13.17 13.65
N ALA B 80 19.75 -13.97 12.65
CA ALA B 80 20.77 -13.62 11.69
C ALA B 80 20.26 -12.79 10.51
N VAL B 81 18.94 -12.71 10.30
CA VAL B 81 18.39 -11.99 9.18
C VAL B 81 17.40 -10.91 9.58
N LYS B 82 17.15 -10.72 10.88
CA LYS B 82 16.11 -9.80 11.33
C LYS B 82 16.38 -8.39 10.87
N SER B 83 17.64 -7.95 10.94
CA SER B 83 17.98 -6.56 10.63
C SER B 83 17.79 -6.22 9.16
N LEU B 84 17.75 -7.22 8.27
CA LEU B 84 17.66 -6.97 6.85
C LEU B 84 16.23 -6.76 6.36
N TYR B 85 15.22 -7.04 7.17
CA TYR B 85 13.84 -7.05 6.73
C TYR B 85 13.04 -5.92 7.37
N HIS B 86 11.94 -5.57 6.70
CA HIS B 86 11.05 -4.52 7.18
C HIS B 86 10.54 -4.82 8.59
N SER B 87 10.20 -6.07 8.85
CA SER B 87 9.75 -6.49 10.18
C SER B 87 9.78 -8.01 10.22
N VAL B 88 9.78 -8.54 11.44
CA VAL B 88 9.79 -9.99 11.68
C VAL B 88 8.83 -10.29 12.82
N GLU B 89 7.94 -11.25 12.60
CA GLU B 89 7.04 -11.73 13.64
C GLU B 89 7.38 -13.18 13.97
N TRP B 90 7.42 -13.49 15.26
CA TRP B 90 7.90 -14.77 15.77
C TRP B 90 6.89 -15.30 16.77
N ARG B 91 6.32 -16.47 16.47
CA ARG B 91 5.25 -17.06 17.28
C ARG B 91 5.57 -18.54 17.54
N PRO B 92 6.43 -18.82 18.52
CA PRO B 92 6.71 -20.21 18.88
C PRO B 92 5.84 -20.69 20.03
N ALA B 93 5.79 -22.02 20.17
CA ALA B 93 5.05 -22.64 21.28
C ALA B 93 5.67 -24.03 21.49
N GLU B 94 6.48 -24.16 22.53
CA GLU B 94 7.25 -25.39 22.74
C GLU B 94 6.33 -26.56 23.09
N GLU B 95 5.49 -26.40 24.10
CA GLU B 95 4.59 -27.46 24.50
C GLU B 95 3.16 -27.16 24.08
N PRO B 96 2.37 -28.17 23.73
CA PRO B 96 2.72 -29.61 23.66
C PRO B 96 3.46 -29.94 22.38
N ARG B 97 4.18 -31.06 22.33
CA ARG B 97 4.92 -31.43 21.14
C ARG B 97 4.11 -32.28 20.17
N SER B 98 2.87 -32.62 20.51
CA SER B 98 2.01 -33.38 19.63
C SER B 98 0.55 -33.11 20.00
N TYR B 99 -0.32 -33.21 19.00
CA TYR B 99 -1.73 -32.91 19.22
C TYR B 99 -2.39 -34.02 20.04
N PRO B 100 -3.28 -33.66 20.97
CA PRO B 100 -3.91 -34.69 21.81
C PRO B 100 -4.82 -35.64 21.04
N ASP B 101 -5.13 -35.33 19.78
CA ASP B 101 -5.97 -36.17 18.94
C ASP B 101 -5.22 -36.75 17.76
N GLU B 102 -3.88 -36.62 17.73
CA GLU B 102 -3.10 -37.11 16.62
C GLU B 102 -2.74 -38.58 16.82
N GLU B 103 -2.73 -39.32 15.71
CA GLU B 103 -2.20 -40.69 15.71
C GLU B 103 -0.70 -40.72 15.47
N GLY B 104 -0.15 -39.66 14.87
CA GLY B 104 1.26 -39.56 14.61
C GLY B 104 1.60 -38.18 14.08
N PRO B 105 2.91 -37.88 13.95
CA PRO B 105 3.31 -36.53 13.51
C PRO B 105 2.91 -36.22 12.07
N LYS B 106 2.65 -37.22 11.24
CA LYS B 106 2.20 -37.00 9.88
C LYS B 106 0.70 -37.17 9.73
N HIS B 107 -0.02 -37.40 10.83
CA HIS B 107 -1.47 -37.50 10.78
C HIS B 107 -2.08 -36.11 10.88
N TRP B 108 -2.99 -35.80 9.95
CA TRP B 108 -3.68 -34.52 9.95
C TRP B 108 -5.01 -34.68 10.69
N SER B 109 -4.97 -34.41 11.99
CA SER B 109 -6.18 -34.44 12.80
C SER B 109 -6.97 -33.14 12.63
N ASP B 110 -8.21 -33.15 13.10
CA ASP B 110 -9.05 -31.96 12.99
C ASP B 110 -8.51 -30.81 13.84
N SER B 111 -7.89 -31.13 14.98
CA SER B 111 -7.26 -30.08 15.78
C SER B 111 -6.05 -29.50 15.08
N ARG B 112 -5.31 -30.33 14.33
CA ARG B 112 -4.20 -29.83 13.53
C ARG B 112 -4.71 -29.00 12.35
N TYR B 113 -5.76 -29.48 11.67
CA TYR B 113 -6.38 -28.69 10.62
C TYR B 113 -6.84 -27.33 11.13
N GLU B 114 -7.51 -27.32 12.29
CA GLU B 114 -8.01 -26.07 12.84
C GLU B 114 -6.88 -25.10 13.17
N HIS B 115 -5.84 -25.60 13.83
CA HIS B 115 -4.73 -24.73 14.22
C HIS B 115 -4.02 -24.16 13.01
N VAL B 116 -3.79 -24.98 11.99
CA VAL B 116 -3.08 -24.51 10.81
C VAL B 116 -3.92 -23.48 10.06
N MET B 117 -5.23 -23.69 9.98
CA MET B 117 -6.11 -22.72 9.35
C MET B 117 -6.07 -21.39 10.09
N LYS B 118 -6.18 -21.44 11.43
CA LYS B 118 -6.09 -20.21 12.22
C LYS B 118 -4.75 -19.54 12.05
N LEU B 119 -3.68 -20.32 11.94
CA LEU B 119 -2.35 -19.74 11.74
C LEU B 119 -2.27 -18.98 10.42
N ARG B 120 -2.74 -19.61 9.33
CA ARG B 120 -2.74 -18.93 8.04
C ARG B 120 -3.65 -17.71 8.05
N GLN B 121 -4.77 -17.80 8.77
CA GLN B 121 -5.61 -16.63 8.94
C GLN B 121 -4.89 -15.53 9.72
N ALA B 122 -4.14 -15.91 10.75
CA ALA B 122 -3.39 -14.93 11.53
C ALA B 122 -2.34 -14.24 10.67
N ALA B 123 -1.63 -15.00 9.83
CA ALA B 123 -0.68 -14.40 8.92
C ALA B 123 -1.37 -13.51 7.90
N LEU B 124 -2.55 -13.92 7.43
CA LEU B 124 -3.31 -13.09 6.50
C LEU B 124 -3.75 -11.80 7.16
N LYS B 125 -4.27 -11.89 8.39
CA LYS B 125 -4.63 -10.67 9.12
C LYS B 125 -3.41 -9.81 9.39
N SER B 126 -2.29 -10.44 9.75
CA SER B 126 -1.07 -9.68 10.01
C SER B 126 -0.62 -8.92 8.76
N ALA B 127 -0.73 -9.55 7.59
CA ALA B 127 -0.35 -8.90 6.35
C ALA B 127 -1.25 -7.70 6.04
N ARG B 128 -2.56 -7.85 6.25
CA ARG B 128 -3.48 -6.73 6.05
C ARG B 128 -3.18 -5.59 7.01
N ASP B 129 -2.87 -5.92 8.27
CA ASP B 129 -2.67 -4.91 9.29
C ASP B 129 -1.41 -4.10 9.05
N MET B 130 -0.39 -4.68 8.41
CA MET B 130 0.85 -3.97 8.11
C MET B 130 0.83 -3.34 6.73
N TRP B 131 -0.27 -3.46 6.00
CA TRP B 131 -0.46 -2.81 4.71
C TRP B 131 0.47 -3.36 3.64
N ALA B 132 0.72 -4.66 3.69
CA ALA B 132 1.51 -5.29 2.64
C ALA B 132 0.71 -5.34 1.34
N ASP B 133 1.44 -5.41 0.23
CA ASP B 133 0.82 -5.59 -1.07
C ASP B 133 0.46 -7.06 -1.30
N TYR B 134 1.35 -7.96 -0.91
CA TYR B 134 1.19 -9.38 -1.15
C TYR B 134 1.53 -10.15 0.11
N ILE B 135 0.94 -11.33 0.24
CA ILE B 135 1.35 -12.32 1.23
C ILE B 135 1.72 -13.59 0.48
N LEU B 136 2.95 -14.06 0.69
CA LEU B 136 3.45 -15.27 0.04
C LEU B 136 3.53 -16.38 1.08
N PHE B 137 2.76 -17.43 0.90
CA PHE B 137 2.84 -18.61 1.75
C PHE B 137 3.85 -19.58 1.15
N VAL B 138 4.76 -20.07 1.99
CA VAL B 138 5.73 -21.10 1.61
C VAL B 138 5.72 -22.16 2.69
N ASP B 139 5.41 -23.39 2.30
CA ASP B 139 5.54 -24.50 3.24
C ASP B 139 7.02 -24.73 3.55
N ALA B 140 7.29 -25.14 4.79
CA ALA B 140 8.67 -25.26 5.26
C ALA B 140 9.47 -26.29 4.48
N ASP B 141 8.81 -27.20 3.77
CA ASP B 141 9.50 -28.18 2.96
C ASP B 141 9.55 -27.81 1.48
N ASN B 142 8.96 -26.67 1.10
CA ASN B 142 8.98 -26.24 -0.29
C ASN B 142 10.27 -25.49 -0.58
N LEU B 143 10.99 -25.93 -1.60
CA LEU B 143 12.29 -25.36 -1.98
C LEU B 143 12.08 -24.47 -3.19
N ILE B 144 12.25 -23.16 -3.02
CA ILE B 144 12.07 -22.20 -4.10
C ILE B 144 13.45 -21.97 -4.72
N LEU B 145 13.82 -22.86 -5.65
CA LEU B 145 15.15 -22.78 -6.25
C LEU B 145 15.31 -21.55 -7.12
N ASN B 146 14.27 -21.19 -7.88
CA ASN B 146 14.31 -20.01 -8.75
C ASN B 146 14.18 -18.75 -7.89
N PRO B 147 15.23 -17.92 -7.83
CA PRO B 147 15.14 -16.70 -7.00
C PRO B 147 14.21 -15.65 -7.58
N ASP B 148 13.77 -15.80 -8.82
CA ASP B 148 12.86 -14.84 -9.42
C ASP B 148 11.39 -15.24 -9.28
N THR B 149 11.11 -16.33 -8.54
CA THR B 149 9.74 -16.84 -8.46
C THR B 149 8.79 -15.78 -7.93
N LEU B 150 9.19 -15.05 -6.88
CA LEU B 150 8.33 -14.03 -6.31
C LEU B 150 8.04 -12.93 -7.33
N SER B 151 9.06 -12.48 -8.07
CA SER B 151 8.85 -11.45 -9.06
C SER B 151 7.96 -11.93 -10.20
N LEU B 152 8.15 -13.17 -10.65
CA LEU B 152 7.36 -13.69 -11.75
C LEU B 152 5.89 -13.87 -11.34
N LEU B 153 5.64 -14.26 -10.09
CA LEU B 153 4.27 -14.40 -9.62
C LEU B 153 3.58 -13.05 -9.52
N ILE B 154 4.31 -12.03 -9.05
CA ILE B 154 3.76 -10.68 -8.99
C ILE B 154 3.46 -10.19 -10.40
N ALA B 155 4.29 -10.55 -11.38
CA ALA B 155 4.13 -10.08 -12.73
C ALA B 155 2.86 -10.60 -13.40
N GLU B 156 2.30 -11.70 -12.92
CA GLU B 156 1.10 -12.27 -13.54
C GLU B 156 -0.16 -11.49 -13.19
N ASN B 157 -0.11 -10.62 -12.19
CA ASN B 157 -1.22 -9.75 -11.83
C ASN B 157 -2.49 -10.55 -11.54
N LYS B 158 -2.34 -11.66 -10.85
CA LYS B 158 -3.47 -12.43 -10.36
C LYS B 158 -3.71 -12.09 -8.89
N THR B 159 -4.89 -12.49 -8.41
CA THR B 159 -5.19 -12.30 -6.99
C THR B 159 -4.66 -13.45 -6.15
N VAL B 160 -4.82 -14.69 -6.62
CA VAL B 160 -4.25 -15.87 -5.98
C VAL B 160 -3.57 -16.70 -7.07
N VAL B 161 -2.25 -16.74 -7.06
CA VAL B 161 -1.48 -17.51 -8.03
C VAL B 161 -0.43 -18.31 -7.29
N ALA B 162 -0.20 -19.54 -7.76
CA ALA B 162 0.79 -20.42 -7.19
C ALA B 162 1.79 -20.87 -8.25
N PRO B 163 3.06 -21.03 -7.89
CA PRO B 163 4.03 -21.58 -8.84
C PRO B 163 3.98 -23.11 -8.81
N MET B 164 3.92 -23.72 -9.98
CA MET B 164 3.88 -25.18 -10.06
C MET B 164 5.23 -25.72 -9.63
N LEU B 165 5.27 -26.29 -8.43
CA LEU B 165 6.48 -26.92 -7.92
C LEU B 165 6.55 -28.36 -8.39
N ASP B 166 7.77 -28.83 -8.62
CA ASP B 166 7.99 -30.16 -9.16
C ASP B 166 8.19 -31.18 -8.03
N SER B 167 7.80 -32.41 -8.31
CA SER B 167 7.96 -33.51 -7.38
C SER B 167 8.49 -34.73 -8.12
N ARG B 168 8.80 -35.78 -7.35
CA ARG B 168 9.24 -37.04 -7.94
C ARG B 168 8.12 -37.76 -8.69
N ALA B 169 6.88 -37.31 -8.54
CA ALA B 169 5.74 -38.01 -9.12
C ALA B 169 4.81 -36.98 -9.75
N ALA B 170 3.61 -37.42 -10.10
CA ALA B 170 2.62 -36.52 -10.70
C ALA B 170 2.10 -35.50 -9.70
N TYR B 171 2.32 -35.72 -8.40
CA TYR B 171 1.85 -34.78 -7.39
C TYR B 171 2.47 -33.40 -7.61
N SER B 172 1.67 -32.37 -7.38
CA SER B 172 2.12 -30.99 -7.40
C SER B 172 1.18 -30.18 -6.53
N ASN B 173 1.47 -28.89 -6.40
CA ASN B 173 0.68 -28.01 -5.55
C ASN B 173 -0.59 -27.49 -6.21
N PHE B 174 -1.23 -28.30 -7.05
CA PHE B 174 -2.44 -27.84 -7.72
C PHE B 174 -3.28 -29.04 -8.17
N TRP B 175 -4.59 -28.83 -8.17
CA TRP B 175 -5.55 -29.75 -8.77
C TRP B 175 -6.10 -29.13 -10.04
N CYS B 176 -6.45 -29.97 -11.01
CA CYS B 176 -7.10 -29.49 -12.22
C CYS B 176 -8.61 -29.62 -12.16
N GLY B 177 -9.13 -30.56 -11.36
CA GLY B 177 -10.55 -30.72 -11.21
C GLY B 177 -10.93 -30.94 -9.76
N MET B 178 -12.21 -30.68 -9.47
CA MET B 178 -12.77 -30.87 -8.14
C MET B 178 -14.18 -31.44 -8.29
N THR B 179 -14.57 -32.32 -7.36
CA THR B 179 -15.74 -33.16 -7.52
C THR B 179 -17.02 -32.55 -6.96
N SER B 180 -17.07 -31.23 -6.80
CA SER B 180 -18.25 -30.54 -6.28
C SER B 180 -18.59 -31.00 -4.86
N GLN B 181 -17.74 -31.84 -4.28
CA GLN B 181 -17.80 -32.16 -2.85
C GLN B 181 -16.46 -31.91 -2.18
N GLY B 182 -15.51 -31.30 -2.89
CA GLY B 182 -14.21 -30.98 -2.35
C GLY B 182 -13.12 -31.98 -2.65
N TYR B 183 -13.45 -33.11 -3.27
CA TYR B 183 -12.48 -34.18 -3.50
C TYR B 183 -11.69 -33.92 -4.78
N TYR B 184 -10.47 -34.45 -4.81
CA TYR B 184 -9.63 -34.31 -5.98
C TYR B 184 -10.23 -35.06 -7.17
N LYS B 185 -10.02 -34.51 -8.36
CA LYS B 185 -10.55 -35.08 -9.59
C LYS B 185 -9.52 -34.91 -10.70
N ARG B 186 -9.31 -35.97 -11.48
CA ARG B 186 -8.33 -35.96 -12.55
C ARG B 186 -8.99 -35.53 -13.85
N THR B 187 -8.38 -34.55 -14.51
CA THR B 187 -8.83 -34.04 -15.80
C THR B 187 -7.74 -34.26 -16.84
N PRO B 188 -8.08 -34.24 -18.12
CA PRO B 188 -7.05 -34.46 -19.16
C PRO B 188 -5.98 -33.38 -19.22
N ALA B 189 -6.23 -32.21 -18.62
CA ALA B 189 -5.28 -31.12 -18.70
C ALA B 189 -4.19 -31.18 -17.63
N TYR B 190 -4.32 -32.08 -16.65
CA TYR B 190 -3.35 -32.11 -15.56
C TYR B 190 -1.96 -32.51 -16.06
N ILE B 191 -1.88 -33.65 -16.76
CA ILE B 191 -0.58 -34.14 -17.21
C ILE B 191 0.13 -33.14 -18.12
N PRO B 192 -0.54 -32.52 -19.12
CA PRO B 192 0.18 -31.53 -19.93
C PRO B 192 0.71 -30.34 -19.14
N ILE B 193 -0.05 -29.86 -18.15
CA ILE B 193 0.45 -28.78 -17.31
C ILE B 193 1.58 -29.28 -16.41
N ARG B 194 1.40 -30.46 -15.81
CA ARG B 194 2.42 -31.02 -14.92
C ARG B 194 3.72 -31.27 -15.64
N LYS B 195 3.67 -31.67 -16.92
CA LYS B 195 4.87 -31.96 -17.70
C LYS B 195 5.43 -30.73 -18.40
N ARG B 196 4.80 -29.57 -18.26
CA ARG B 196 5.18 -28.35 -18.97
C ARG B 196 5.10 -28.54 -20.49
N ASP B 197 4.21 -29.42 -20.95
CA ASP B 197 3.90 -29.48 -22.37
C ASP B 197 3.07 -28.28 -22.79
N ARG B 198 2.20 -27.81 -21.90
CA ARG B 198 1.50 -26.54 -22.02
C ARG B 198 2.05 -25.60 -20.96
N ARG B 199 2.60 -24.47 -21.39
CA ARG B 199 3.12 -23.47 -20.48
C ARG B 199 2.18 -22.27 -20.41
N GLY B 200 2.19 -21.60 -19.28
CA GLY B 200 1.37 -20.43 -19.04
C GLY B 200 0.80 -20.46 -17.64
N CYS B 201 -0.20 -19.62 -17.41
CA CYS B 201 -0.91 -19.55 -16.13
C CYS B 201 -2.34 -20.01 -16.35
N PHE B 202 -2.72 -21.09 -15.67
CA PHE B 202 -3.98 -21.78 -15.91
C PHE B 202 -4.93 -21.61 -14.74
N ALA B 203 -6.20 -21.37 -15.06
CA ALA B 203 -7.24 -21.30 -14.05
C ALA B 203 -7.51 -22.70 -13.51
N VAL B 204 -7.40 -22.86 -12.20
CA VAL B 204 -7.58 -24.18 -11.57
C VAL B 204 -8.42 -24.02 -10.32
N PRO B 205 -9.12 -25.10 -9.94
CA PRO B 205 -9.96 -25.04 -8.73
C PRO B 205 -9.20 -25.18 -7.43
N MET B 206 -7.89 -25.46 -7.46
CA MET B 206 -7.14 -25.70 -6.24
C MET B 206 -5.66 -25.46 -6.46
N VAL B 207 -5.08 -24.60 -5.63
CA VAL B 207 -3.63 -24.47 -5.47
C VAL B 207 -3.35 -24.39 -3.98
N HIS B 208 -2.17 -24.88 -3.59
CA HIS B 208 -1.82 -24.95 -2.18
C HIS B 208 -0.30 -24.91 -2.04
N SER B 209 0.18 -25.22 -0.83
CA SER B 209 1.59 -25.27 -0.48
C SER B 209 2.25 -23.89 -0.57
N THR B 210 2.69 -23.50 -1.76
CA THR B 210 3.27 -22.19 -1.98
C THR B 210 2.39 -21.42 -2.95
N PHE B 211 1.85 -20.28 -2.49
CA PHE B 211 1.00 -19.46 -3.33
C PHE B 211 1.10 -18.00 -2.89
N LEU B 212 0.68 -17.11 -3.78
CA LEU B 212 0.80 -15.67 -3.58
C LEU B 212 -0.58 -15.03 -3.66
N ILE B 213 -0.94 -14.28 -2.62
CA ILE B 213 -2.21 -13.56 -2.57
C ILE B 213 -1.93 -12.08 -2.79
N ASP B 214 -2.70 -11.46 -3.67
CA ASP B 214 -2.56 -10.04 -3.98
C ASP B 214 -3.51 -9.25 -3.09
N LEU B 215 -2.98 -8.67 -2.03
CA LEU B 215 -3.78 -7.89 -1.10
C LEU B 215 -4.09 -6.49 -1.62
N ARG B 216 -3.61 -6.13 -2.81
CA ARG B 216 -4.06 -4.90 -3.45
C ARG B 216 -5.46 -5.07 -4.04
N LYS B 217 -5.78 -6.27 -4.50
CA LYS B 217 -7.07 -6.51 -5.14
C LYS B 217 -8.21 -6.37 -4.12
N ALA B 218 -9.32 -5.78 -4.58
CA ALA B 218 -10.45 -5.57 -3.69
C ALA B 218 -11.07 -6.90 -3.24
N ALA B 219 -11.08 -7.89 -4.12
CA ALA B 219 -11.69 -9.17 -3.79
C ALA B 219 -10.88 -9.94 -2.74
N SER B 220 -9.61 -9.61 -2.54
CA SER B 220 -8.81 -10.27 -1.53
C SER B 220 -9.32 -10.00 -0.11
N ARG B 221 -10.05 -8.91 0.10
CA ARG B 221 -10.59 -8.61 1.42
C ARG B 221 -11.58 -9.67 1.89
N ASN B 222 -12.16 -10.44 0.96
CA ASN B 222 -13.15 -11.45 1.28
C ASN B 222 -12.56 -12.85 1.45
N LEU B 223 -11.28 -13.02 1.18
CA LEU B 223 -10.64 -14.32 1.37
C LEU B 223 -10.40 -14.56 2.86
N ALA B 224 -10.52 -15.83 3.26
CA ALA B 224 -10.34 -16.20 4.65
C ALA B 224 -9.91 -17.66 4.74
N PHE B 225 -8.86 -17.92 5.52
CA PHE B 225 -8.49 -19.29 5.81
C PHE B 225 -9.33 -19.89 6.92
N TYR B 226 -9.86 -19.05 7.82
CA TYR B 226 -10.64 -19.51 8.95
C TYR B 226 -11.52 -18.37 9.43
N PRO B 227 -12.75 -18.65 9.88
CA PRO B 227 -13.44 -19.95 9.90
C PRO B 227 -13.92 -20.31 8.50
N PRO B 228 -14.45 -21.52 8.28
CA PRO B 228 -15.03 -21.82 6.97
C PRO B 228 -16.15 -20.83 6.61
N HIS B 229 -16.32 -20.61 5.31
CA HIS B 229 -17.36 -19.73 4.83
C HIS B 229 -18.73 -20.21 5.32
N PRO B 230 -19.67 -19.30 5.56
CA PRO B 230 -21.01 -19.69 6.06
C PRO B 230 -21.71 -20.73 5.19
N ASP B 231 -21.37 -20.77 3.91
CA ASP B 231 -21.95 -21.73 2.97
C ASP B 231 -21.11 -22.99 2.80
N TYR B 232 -20.01 -23.12 3.53
CA TYR B 232 -19.16 -24.29 3.40
C TYR B 232 -19.87 -25.53 3.94
N THR B 233 -19.86 -26.60 3.14
CA THR B 233 -20.52 -27.84 3.53
C THR B 233 -19.65 -29.06 3.25
N TRP B 234 -18.33 -28.88 3.15
CA TRP B 234 -17.40 -29.96 2.81
C TRP B 234 -16.62 -30.37 4.05
N SER B 235 -15.58 -31.17 3.83
CA SER B 235 -14.80 -31.72 4.94
C SER B 235 -13.93 -30.65 5.59
N PHE B 236 -13.61 -30.87 6.85
CA PHE B 236 -12.76 -29.95 7.61
C PHE B 236 -11.31 -30.08 7.15
N ASP B 237 -11.04 -29.67 5.90
CA ASP B 237 -9.72 -29.72 5.29
C ASP B 237 -9.28 -28.29 4.97
N ASP B 238 -8.01 -27.98 5.27
CA ASP B 238 -7.57 -26.59 5.24
C ASP B 238 -7.51 -26.04 3.81
N ILE B 239 -6.97 -26.83 2.87
CA ILE B 239 -6.84 -26.33 1.50
C ILE B 239 -8.19 -26.28 0.81
N ILE B 240 -9.12 -27.15 1.19
CA ILE B 240 -10.47 -27.10 0.63
C ILE B 240 -11.20 -25.86 1.13
N VAL B 241 -11.05 -25.55 2.42
CA VAL B 241 -11.72 -24.39 2.99
C VAL B 241 -11.28 -23.11 2.30
N PHE B 242 -9.97 -22.95 2.10
CA PHE B 242 -9.47 -21.76 1.43
C PHE B 242 -9.88 -21.72 -0.03
N ALA B 243 -9.84 -22.88 -0.71
CA ALA B 243 -10.28 -22.93 -2.09
C ALA B 243 -11.73 -22.50 -2.22
N PHE B 244 -12.60 -22.96 -1.30
CA PHE B 244 -13.99 -22.55 -1.31
C PHE B 244 -14.14 -21.06 -1.01
N SER B 245 -13.28 -20.51 -0.16
CA SER B 245 -13.30 -19.09 0.11
C SER B 245 -13.03 -18.27 -1.14
N CYS B 246 -12.19 -18.78 -2.04
CA CYS B 246 -11.89 -18.06 -3.27
C CYS B 246 -13.08 -18.07 -4.22
N LYS B 247 -13.80 -19.20 -4.29
CA LYS B 247 -14.97 -19.28 -5.17
C LYS B 247 -16.05 -18.30 -4.74
N GLN B 248 -16.31 -18.20 -3.43
CA GLN B 248 -17.34 -17.28 -2.95
C GLN B 248 -16.93 -15.83 -3.13
N ALA B 249 -15.63 -15.52 -3.04
CA ALA B 249 -15.15 -14.19 -3.34
C ALA B 249 -14.98 -13.95 -4.84
N GLU B 250 -15.32 -14.94 -5.66
CA GLU B 250 -15.13 -14.87 -7.12
C GLU B 250 -13.68 -14.56 -7.46
N VAL B 251 -12.77 -15.14 -6.70
CA VAL B 251 -11.32 -15.04 -6.95
C VAL B 251 -10.88 -16.33 -7.62
N GLN B 252 -10.37 -16.21 -8.84
CA GLN B 252 -9.90 -17.38 -9.57
C GLN B 252 -8.49 -17.74 -9.14
N MET B 253 -8.29 -18.99 -8.74
CA MET B 253 -6.96 -19.49 -8.44
C MET B 253 -6.24 -19.86 -9.73
N TYR B 254 -4.95 -19.54 -9.78
CA TYR B 254 -4.13 -19.80 -10.95
C TYR B 254 -2.87 -20.55 -10.56
N VAL B 255 -2.39 -21.38 -11.49
CA VAL B 255 -1.08 -22.02 -11.38
C VAL B 255 -0.31 -21.68 -12.65
N CYS B 256 0.95 -21.29 -12.49
CA CYS B 256 1.81 -20.93 -13.61
C CYS B 256 2.97 -21.91 -13.69
N ASN B 257 3.25 -22.39 -14.90
CA ASN B 257 4.38 -23.29 -15.13
C ASN B 257 5.29 -22.77 -16.24
N LYS B 258 5.31 -21.46 -16.46
CA LYS B 258 6.06 -20.89 -17.58
C LYS B 258 7.54 -21.23 -17.50
N GLU B 259 8.05 -21.48 -16.30
CA GLU B 259 9.42 -21.93 -16.12
C GLU B 259 9.51 -22.68 -14.80
N GLU B 260 10.69 -23.20 -14.49
CA GLU B 260 10.90 -23.94 -13.27
C GLU B 260 11.01 -22.98 -12.10
N TYR B 261 10.33 -23.30 -11.00
CA TYR B 261 10.34 -22.46 -9.81
C TYR B 261 10.93 -23.17 -8.60
N GLY B 262 10.57 -24.41 -8.36
CA GLY B 262 11.11 -25.12 -7.21
C GLY B 262 10.59 -26.53 -7.12
N PHE B 263 10.86 -27.15 -5.98
CA PHE B 263 10.56 -28.55 -5.74
C PHE B 263 9.91 -28.69 -4.37
N LEU B 264 9.21 -29.82 -4.18
CA LEU B 264 8.56 -30.13 -2.92
C LEU B 264 8.45 -31.64 -2.78
N PRO B 265 8.53 -32.16 -1.56
CA PRO B 265 8.34 -33.60 -1.37
C PRO B 265 6.88 -33.99 -1.51
N VAL B 266 6.66 -35.27 -1.76
CA VAL B 266 5.31 -35.82 -1.85
C VAL B 266 4.81 -36.13 -0.45
N PRO B 267 3.64 -35.65 -0.05
CA PRO B 267 3.16 -35.84 1.32
C PRO B 267 3.10 -37.32 1.69
N LEU B 268 3.45 -37.60 2.94
CA LEU B 268 3.46 -38.96 3.45
C LEU B 268 2.09 -39.37 3.96
N ARG B 269 2.00 -40.57 4.50
CA ARG B 269 0.77 -41.09 5.06
C ARG B 269 0.70 -40.80 6.56
N ALA B 270 -0.49 -40.98 7.12
CA ALA B 270 -0.72 -40.61 8.51
C ALA B 270 0.18 -41.39 9.46
N HIS B 271 0.48 -42.65 9.16
CA HIS B 271 1.30 -43.50 10.01
C HIS B 271 2.76 -43.50 9.59
N SER B 272 3.20 -42.48 8.84
CA SER B 272 4.61 -42.35 8.50
C SER B 272 5.38 -41.74 9.66
N THR B 273 6.70 -41.81 9.57
CA THR B 273 7.59 -41.36 10.63
C THR B 273 8.30 -40.07 10.21
N LEU B 274 8.93 -39.43 11.19
CA LEU B 274 9.75 -38.25 10.89
C LEU B 274 10.93 -38.60 10.01
N GLN B 275 11.53 -39.78 10.24
CA GLN B 275 12.62 -40.24 9.38
C GLN B 275 12.14 -40.41 7.95
N ASP B 276 10.91 -40.90 7.76
CA ASP B 276 10.34 -40.96 6.41
C ASP B 276 10.33 -39.59 5.76
N GLU B 277 9.92 -38.56 6.52
CA GLU B 277 9.89 -37.21 5.98
C GLU B 277 11.30 -36.70 5.71
N ALA B 278 12.25 -36.97 6.62
CA ALA B 278 13.62 -36.50 6.43
C ALA B 278 14.22 -37.09 5.16
N GLU B 279 14.07 -38.40 4.96
CA GLU B 279 14.58 -39.02 3.74
C GLU B 279 13.80 -38.56 2.52
N SER B 280 12.51 -38.24 2.68
CA SER B 280 11.73 -37.77 1.55
C SER B 280 12.27 -36.45 1.02
N PHE B 281 12.56 -35.50 1.92
CA PHE B 281 13.13 -34.24 1.47
C PHE B 281 14.56 -34.42 0.96
N MET B 282 15.30 -35.37 1.53
CA MET B 282 16.63 -35.67 0.99
C MET B 282 16.53 -36.12 -0.46
N HIS B 283 15.50 -36.90 -0.78
CA HIS B 283 15.28 -37.31 -2.17
C HIS B 283 14.94 -36.11 -3.05
N VAL B 284 14.31 -35.08 -2.47
CA VAL B 284 14.07 -33.85 -3.22
C VAL B 284 15.39 -33.22 -3.62
N GLN B 285 16.35 -33.19 -2.69
CA GLN B 285 17.68 -32.67 -3.01
C GLN B 285 18.35 -33.49 -4.10
N LEU B 286 18.18 -34.82 -4.05
CA LEU B 286 18.70 -35.68 -5.11
C LEU B 286 18.09 -35.32 -6.46
N GLU B 287 16.77 -35.12 -6.50
CA GLU B 287 16.11 -34.76 -7.75
C GLU B 287 16.63 -33.43 -8.28
N VAL B 288 16.92 -32.48 -7.39
CA VAL B 288 17.50 -31.22 -7.80
C VAL B 288 18.85 -31.45 -8.48
N MET B 289 19.69 -32.31 -7.88
CA MET B 289 21.04 -32.51 -8.37
C MET B 289 21.09 -33.30 -9.67
N VAL B 290 19.96 -33.80 -10.17
CA VAL B 290 19.96 -34.50 -11.46
C VAL B 290 20.38 -33.55 -12.57
N LYS B 291 19.72 -32.39 -12.66
CA LYS B 291 19.97 -31.43 -13.72
C LYS B 291 20.45 -30.07 -13.22
N HIS B 292 20.51 -29.86 -11.91
CA HIS B 292 20.98 -28.60 -11.36
C HIS B 292 22.17 -28.84 -10.43
N PRO B 293 22.90 -27.79 -10.06
CA PRO B 293 23.84 -27.92 -8.94
C PRO B 293 23.08 -28.17 -7.65
N PRO B 294 23.75 -28.69 -6.61
CA PRO B 294 23.06 -28.93 -5.34
C PRO B 294 22.52 -27.63 -4.75
N ALA B 295 21.31 -27.70 -4.22
CA ALA B 295 20.67 -26.55 -3.59
C ALA B 295 21.46 -26.16 -2.35
N GLU B 296 22.02 -24.96 -2.36
CA GLU B 296 22.93 -24.53 -1.31
C GLU B 296 22.16 -24.16 -0.04
N PRO B 297 22.77 -24.39 1.13
CA PRO B 297 22.12 -24.06 2.39
C PRO B 297 22.24 -22.58 2.70
N SER B 298 21.69 -22.19 3.84
CA SER B 298 21.77 -20.82 4.29
C SER B 298 23.19 -20.49 4.77
N ARG B 299 23.55 -19.22 4.64
CA ARG B 299 24.83 -18.75 5.17
C ARG B 299 24.89 -18.82 6.68
N PHE B 300 23.74 -18.91 7.35
CA PHE B 300 23.68 -18.88 8.81
C PHE B 300 23.20 -20.19 9.42
N ILE B 301 22.57 -21.06 8.65
CA ILE B 301 22.13 -22.38 9.12
C ILE B 301 22.99 -23.42 8.43
N SER B 302 23.49 -24.38 9.22
CA SER B 302 24.23 -25.52 8.70
C SER B 302 23.44 -26.79 8.97
N ALA B 303 23.39 -27.66 7.96
CA ALA B 303 22.74 -28.95 8.13
C ALA B 303 23.65 -29.90 8.91
N PRO B 304 23.07 -30.81 9.69
CA PRO B 304 23.89 -31.74 10.48
C PRO B 304 24.76 -32.62 9.58
N THR B 305 25.96 -32.90 10.06
CA THR B 305 26.89 -33.74 9.31
C THR B 305 26.38 -35.16 9.21
N LYS B 306 26.53 -35.76 8.04
CA LYS B 306 26.19 -37.15 7.82
C LYS B 306 27.44 -38.02 7.79
N THR B 307 27.25 -39.31 8.01
CA THR B 307 28.34 -40.28 8.05
C THR B 307 27.96 -41.47 7.20
N PRO B 308 28.68 -41.75 6.12
CA PRO B 308 28.27 -42.82 5.20
C PRO B 308 28.72 -44.20 5.65
N ASP B 309 28.02 -45.22 5.15
CA ASP B 309 28.41 -46.60 5.38
C ASP B 309 28.38 -47.40 4.07
N LYS B 310 28.57 -48.71 4.15
CA LYS B 310 28.51 -49.57 2.97
C LYS B 310 27.19 -50.33 2.86
N MET B 311 26.16 -49.91 3.60
CA MET B 311 24.84 -50.53 3.60
C MET B 311 24.88 -52.02 3.94
N GLY B 312 25.88 -52.47 4.70
CA GLY B 312 26.01 -53.87 5.00
C GLY B 312 26.66 -54.71 3.93
N PHE B 313 26.82 -54.18 2.71
CA PHE B 313 27.53 -54.90 1.67
C PHE B 313 29.01 -55.02 2.01
N ASP B 314 29.64 -56.04 1.45
CA ASP B 314 31.09 -56.19 1.62
C ASP B 314 31.84 -55.08 0.90
N GLU B 315 31.27 -54.55 -0.19
CA GLU B 315 31.88 -53.45 -0.91
C GLU B 315 30.83 -52.81 -1.81
N VAL B 316 31.00 -51.52 -2.07
CA VAL B 316 30.14 -50.75 -2.97
C VAL B 316 31.04 -50.14 -4.03
N PHE B 317 30.92 -50.60 -5.27
CA PHE B 317 31.71 -50.09 -6.38
C PHE B 317 30.93 -49.02 -7.14
N MET B 318 31.67 -48.13 -7.81
CA MET B 318 31.08 -47.12 -8.69
C MET B 318 32.03 -46.95 -9.88
N ILE B 319 31.55 -47.29 -11.07
CA ILE B 319 32.35 -47.21 -12.27
C ILE B 319 32.24 -45.82 -12.86
N ASN B 320 33.38 -45.19 -13.12
CA ASN B 320 33.41 -43.86 -13.71
C ASN B 320 34.67 -43.69 -14.54
N LEU B 321 34.52 -43.15 -15.74
CA LEU B 321 35.66 -42.77 -16.56
C LEU B 321 36.14 -41.39 -16.11
N ARG B 322 37.47 -41.23 -16.01
CA ARG B 322 38.03 -40.04 -15.39
C ARG B 322 37.66 -38.78 -16.16
N ARG B 323 37.47 -38.87 -17.47
CA ARG B 323 37.09 -37.70 -18.25
C ARG B 323 35.68 -37.22 -17.91
N ARG B 324 34.86 -38.08 -17.30
CA ARG B 324 33.49 -37.69 -16.92
C ARG B 324 33.49 -37.17 -15.49
N GLN B 325 34.05 -35.97 -15.33
CA GLN B 325 34.20 -35.38 -14.01
C GLN B 325 32.84 -35.00 -13.42
N ASP B 326 31.93 -34.50 -14.26
CA ASP B 326 30.63 -34.06 -13.76
C ASP B 326 29.84 -35.24 -13.19
N ARG B 327 29.76 -36.34 -13.94
CA ARG B 327 29.09 -37.53 -13.44
C ARG B 327 29.69 -38.00 -12.12
N ARG B 328 31.02 -37.94 -12.00
CA ARG B 328 31.68 -38.36 -10.78
C ARG B 328 31.25 -37.49 -9.59
N GLU B 329 31.31 -36.16 -9.76
CA GLU B 329 30.94 -35.26 -8.68
C GLU B 329 29.48 -35.39 -8.32
N ARG B 330 28.61 -35.53 -9.32
CA ARG B 330 27.17 -35.64 -9.05
C ARG B 330 26.86 -36.93 -8.30
N MET B 331 27.49 -38.04 -8.69
CA MET B 331 27.24 -39.31 -8.01
C MET B 331 27.71 -39.27 -6.57
N LEU B 332 28.92 -38.74 -6.34
CA LEU B 332 29.44 -38.66 -4.98
C LEU B 332 28.56 -37.76 -4.11
N ARG B 333 28.06 -36.66 -4.68
CA ARG B 333 27.09 -35.85 -3.95
C ARG B 333 25.83 -36.65 -3.63
N ALA B 334 25.36 -37.44 -4.60
CA ALA B 334 24.18 -38.26 -4.37
C ALA B 334 24.43 -39.33 -3.32
N LEU B 335 25.58 -39.99 -3.37
CA LEU B 335 25.88 -41.03 -2.40
C LEU B 335 26.08 -40.45 -1.00
N GLN B 336 26.79 -39.31 -0.91
CA GLN B 336 27.01 -38.68 0.39
C GLN B 336 25.68 -38.28 1.03
N ALA B 337 24.76 -37.74 0.25
CA ALA B 337 23.46 -37.33 0.80
C ALA B 337 22.70 -38.51 1.38
N GLN B 338 22.80 -39.68 0.72
CA GLN B 338 22.14 -40.89 1.18
C GLN B 338 22.98 -41.66 2.19
N GLU B 339 24.10 -41.07 2.65
CA GLU B 339 24.99 -41.72 3.61
C GLU B 339 25.50 -43.06 3.08
N ILE B 340 25.89 -43.07 1.80
CA ILE B 340 26.41 -44.25 1.13
C ILE B 340 27.84 -43.96 0.72
N GLU B 341 28.76 -44.84 1.09
CA GLU B 341 30.17 -44.74 0.72
C GLU B 341 30.47 -45.80 -0.34
N CYS B 342 31.36 -45.46 -1.27
CA CYS B 342 31.66 -46.35 -2.38
C CYS B 342 33.15 -46.35 -2.68
N ARG B 343 33.59 -47.39 -3.40
CA ARG B 343 34.93 -47.46 -3.95
C ARG B 343 34.86 -47.08 -5.43
N LEU B 344 35.52 -45.99 -5.79
CA LEU B 344 35.52 -45.53 -7.17
C LEU B 344 36.45 -46.39 -8.01
N VAL B 345 35.91 -46.98 -9.07
CA VAL B 345 36.69 -47.80 -10.00
C VAL B 345 36.80 -47.04 -11.30
N GLU B 346 38.03 -46.79 -11.76
CA GLU B 346 38.24 -46.06 -13.00
C GLU B 346 37.90 -46.95 -14.18
N ALA B 347 36.97 -46.49 -15.01
CA ALA B 347 36.49 -47.28 -16.13
C ALA B 347 37.56 -47.43 -17.20
N VAL B 348 37.52 -48.56 -17.89
CA VAL B 348 38.40 -48.80 -19.03
C VAL B 348 37.89 -48.01 -20.22
N ASP B 349 38.74 -47.16 -20.78
CA ASP B 349 38.39 -46.38 -21.97
C ASP B 349 38.69 -47.25 -23.19
N GLY B 350 37.65 -47.89 -23.73
CA GLY B 350 37.85 -48.79 -24.85
C GLY B 350 38.31 -48.09 -26.11
N LYS B 351 37.95 -46.82 -26.28
CA LYS B 351 38.41 -46.07 -27.45
C LYS B 351 39.92 -45.85 -27.40
N ALA B 352 40.49 -45.69 -26.21
CA ALA B 352 41.92 -45.51 -26.07
C ALA B 352 42.71 -46.80 -26.28
N MET B 353 42.04 -47.94 -26.35
CA MET B 353 42.72 -49.22 -26.50
C MET B 353 43.08 -49.47 -27.96
N ASN B 354 44.37 -49.71 -28.21
CA ASN B 354 44.79 -50.10 -29.55
C ASN B 354 44.54 -51.59 -29.77
N THR B 355 44.63 -52.02 -31.02
CA THR B 355 44.39 -53.42 -31.35
C THR B 355 45.38 -54.34 -30.67
N SER B 356 46.60 -53.85 -30.42
CA SER B 356 47.60 -54.67 -29.74
C SER B 356 47.18 -55.00 -28.31
N GLN B 357 46.72 -53.98 -27.57
CA GLN B 357 46.25 -54.21 -26.22
C GLN B 357 45.01 -55.10 -26.19
N VAL B 358 44.15 -55.00 -27.21
CA VAL B 358 42.99 -55.89 -27.31
C VAL B 358 43.45 -57.33 -27.50
N GLU B 359 44.42 -57.55 -28.38
CA GLU B 359 44.93 -58.90 -28.60
C GLU B 359 45.71 -59.41 -27.39
N ALA B 360 46.38 -58.52 -26.66
CA ALA B 360 47.14 -58.93 -25.48
C ALA B 360 46.23 -59.53 -24.42
N LEU B 361 44.98 -59.09 -24.35
CA LEU B 361 44.00 -59.65 -23.43
C LEU B 361 43.21 -60.80 -24.04
N GLY B 362 43.52 -61.19 -25.27
CA GLY B 362 42.82 -62.29 -25.92
C GLY B 362 41.36 -62.02 -26.15
N ILE B 363 41.02 -60.80 -26.57
CA ILE B 363 39.63 -60.39 -26.74
C ILE B 363 39.19 -60.64 -28.16
N GLN B 364 38.06 -61.34 -28.32
CA GLN B 364 37.47 -61.62 -29.62
C GLN B 364 35.97 -61.48 -29.50
N MET B 365 35.36 -60.76 -30.44
CA MET B 365 33.91 -60.59 -30.43
C MET B 365 33.22 -61.93 -30.63
N LEU B 366 32.04 -62.07 -30.02
CA LEU B 366 31.23 -63.25 -30.24
C LEU B 366 30.93 -63.39 -31.73
N PRO B 367 31.24 -64.52 -32.36
CA PRO B 367 31.09 -64.64 -33.82
C PRO B 367 29.65 -64.47 -34.25
N GLY B 368 29.41 -63.46 -35.08
CA GLY B 368 28.10 -63.19 -35.63
C GLY B 368 27.25 -62.21 -34.85
N TYR B 369 27.82 -61.51 -33.87
CA TYR B 369 27.03 -60.58 -33.09
C TYR B 369 26.62 -59.37 -33.91
N ARG B 370 25.38 -58.93 -33.72
CA ARG B 370 24.86 -57.74 -34.38
C ARG B 370 24.02 -56.94 -33.40
N ASP B 371 24.11 -55.61 -33.50
CA ASP B 371 23.31 -54.72 -32.67
C ASP B 371 21.84 -55.08 -32.83
N PRO B 372 21.12 -55.33 -31.72
CA PRO B 372 19.68 -55.66 -31.84
C PRO B 372 18.84 -54.57 -32.50
N TYR B 373 19.42 -53.39 -32.77
CA TYR B 373 18.65 -52.30 -33.35
C TYR B 373 19.29 -51.78 -34.63
N HIS B 374 20.60 -51.97 -34.77
CA HIS B 374 21.31 -51.50 -35.95
C HIS B 374 22.22 -52.53 -36.58
N GLY B 375 22.26 -53.76 -36.07
CA GLY B 375 23.04 -54.82 -36.69
C GLY B 375 24.52 -54.56 -36.76
N ARG B 376 25.04 -53.63 -35.96
CA ARG B 376 26.43 -53.22 -35.98
C ARG B 376 27.28 -54.10 -35.06
N PRO B 377 28.56 -54.26 -35.37
CA PRO B 377 29.43 -55.07 -34.50
C PRO B 377 29.64 -54.44 -33.14
N LEU B 378 30.38 -55.14 -32.27
CA LEU B 378 30.66 -54.62 -30.94
C LEU B 378 31.61 -53.43 -31.03
N THR B 379 31.29 -52.36 -30.32
CA THR B 379 32.07 -51.14 -30.37
C THR B 379 33.17 -51.14 -29.31
N LYS B 380 34.13 -50.24 -29.48
CA LYS B 380 35.18 -50.07 -28.48
C LYS B 380 34.61 -49.61 -27.14
N GLY B 381 33.54 -48.80 -27.17
CA GLY B 381 32.92 -48.37 -25.93
C GLY B 381 32.30 -49.51 -25.15
N GLU B 382 31.55 -50.38 -25.84
CA GLU B 382 31.00 -51.56 -25.19
C GLU B 382 32.11 -52.48 -24.68
N LEU B 383 33.25 -52.49 -25.37
CA LEU B 383 34.39 -53.28 -24.90
C LEU B 383 34.90 -52.76 -23.57
N GLY B 384 35.16 -51.46 -23.49
CA GLY B 384 35.69 -50.89 -22.26
C GLY B 384 34.72 -51.01 -21.10
N CYS B 385 33.42 -50.83 -21.38
CA CYS B 385 32.41 -50.99 -20.35
C CYS B 385 32.40 -52.42 -19.82
N PHE B 386 32.51 -53.40 -20.72
CA PHE B 386 32.60 -54.80 -20.30
C PHE B 386 33.84 -55.03 -19.43
N LEU B 387 35.00 -54.56 -19.90
CA LEU B 387 36.23 -54.74 -19.14
C LEU B 387 36.16 -54.09 -17.76
N SER B 388 35.41 -52.98 -17.65
CA SER B 388 35.23 -52.35 -16.35
C SER B 388 34.49 -53.27 -15.39
N HIS B 389 33.37 -53.84 -15.85
CA HIS B 389 32.64 -54.81 -15.03
C HIS B 389 33.48 -56.07 -14.81
N TYR B 390 34.25 -56.47 -15.83
CA TYR B 390 35.10 -57.66 -15.71
C TYR B 390 36.14 -57.47 -14.62
N ASN B 391 36.76 -56.29 -14.54
CA ASN B 391 37.75 -56.03 -13.51
C ASN B 391 37.13 -56.05 -12.12
N ILE B 392 35.88 -55.61 -12.00
CA ILE B 392 35.21 -55.66 -10.70
C ILE B 392 34.93 -57.11 -10.30
N TRP B 393 34.43 -57.92 -11.24
CA TRP B 393 34.27 -59.34 -10.98
C TRP B 393 35.59 -59.97 -10.54
N LYS B 394 36.67 -59.60 -11.21
CA LYS B 394 38.00 -60.09 -10.81
C LYS B 394 38.35 -59.63 -9.41
N GLU B 395 38.06 -58.38 -9.07
CA GLU B 395 38.38 -57.89 -7.74
C GLU B 395 37.50 -58.54 -6.68
N VAL B 396 36.23 -58.82 -7.02
CA VAL B 396 35.34 -59.51 -6.09
C VAL B 396 35.92 -60.87 -5.71
N VAL B 397 36.46 -61.60 -6.69
CA VAL B 397 36.97 -62.93 -6.43
C VAL B 397 38.32 -62.87 -5.72
N ASP B 398 39.13 -61.85 -5.99
CA ASP B 398 40.42 -61.74 -5.31
C ASP B 398 40.27 -61.42 -3.84
N ARG B 399 39.38 -60.47 -3.51
CA ARG B 399 39.16 -60.09 -2.11
C ARG B 399 38.15 -60.99 -1.41
N GLY B 400 37.48 -61.89 -2.13
CA GLY B 400 36.52 -62.77 -1.51
C GLY B 400 35.27 -62.07 -1.00
N LEU B 401 34.86 -61.00 -1.67
CA LEU B 401 33.67 -60.25 -1.26
C LEU B 401 32.43 -61.10 -1.49
N GLN B 402 31.70 -61.40 -0.42
CA GLN B 402 30.53 -62.27 -0.53
C GLN B 402 29.40 -61.57 -1.27
N LYS B 403 29.10 -60.32 -0.92
CA LYS B 403 28.07 -59.55 -1.59
C LYS B 403 28.59 -58.15 -1.88
N SER B 404 28.52 -57.74 -3.13
CA SER B 404 28.98 -56.42 -3.56
C SER B 404 27.89 -55.74 -4.38
N LEU B 405 27.82 -54.41 -4.25
CA LEU B 405 26.91 -53.59 -5.02
C LEU B 405 27.71 -52.81 -6.06
N VAL B 406 27.24 -52.79 -7.29
CA VAL B 406 27.97 -52.20 -8.42
C VAL B 406 27.14 -51.08 -9.00
N PHE B 407 27.72 -49.88 -9.08
CA PHE B 407 27.06 -48.70 -9.63
C PHE B 407 27.74 -48.25 -10.91
N GLU B 408 26.94 -47.66 -11.80
CA GLU B 408 27.46 -46.84 -12.88
C GLU B 408 27.29 -45.37 -12.46
N ASP B 409 27.61 -44.43 -13.36
CA ASP B 409 27.80 -43.05 -12.95
C ASP B 409 26.73 -42.09 -13.50
N ASP B 410 25.59 -42.60 -13.98
CA ASP B 410 24.55 -41.74 -14.56
C ASP B 410 23.17 -42.34 -14.25
N LEU B 411 22.82 -42.37 -12.97
CA LEU B 411 21.58 -42.99 -12.53
C LEU B 411 20.89 -42.13 -11.48
N ARG B 412 19.57 -42.24 -11.43
CA ARG B 412 18.72 -41.50 -10.52
C ARG B 412 18.18 -42.45 -9.45
N PHE B 413 18.31 -42.04 -8.18
CA PHE B 413 17.93 -42.89 -7.06
C PHE B 413 16.46 -42.69 -6.70
N GLU B 414 15.80 -43.80 -6.36
CA GLU B 414 14.43 -43.76 -5.87
C GLU B 414 14.40 -43.30 -4.42
N ILE B 415 13.20 -42.90 -3.97
CA ILE B 415 13.03 -42.50 -2.59
C ILE B 415 13.24 -43.71 -1.68
N PHE B 416 13.82 -43.46 -0.50
CA PHE B 416 14.10 -44.50 0.48
C PHE B 416 14.98 -45.61 -0.09
N PHE B 417 15.91 -45.25 -0.99
CA PHE B 417 16.72 -46.25 -1.66
C PHE B 417 17.48 -47.11 -0.66
N LYS B 418 18.18 -46.47 0.28
CA LYS B 418 19.07 -47.21 1.18
C LYS B 418 18.29 -48.20 2.04
N ARG B 419 17.21 -47.74 2.68
CA ARG B 419 16.43 -48.64 3.52
C ARG B 419 15.76 -49.74 2.70
N ARG B 420 15.28 -49.40 1.50
CA ARG B 420 14.55 -50.39 0.70
C ARG B 420 15.48 -51.49 0.21
N LEU B 421 16.72 -51.16 -0.14
CA LEU B 421 17.66 -52.18 -0.60
C LEU B 421 18.16 -53.02 0.56
N MET B 422 18.48 -52.39 1.70
CA MET B 422 19.00 -53.14 2.84
C MET B 422 17.96 -54.12 3.39
N ASN B 423 16.68 -53.77 3.30
CA ASN B 423 15.65 -54.68 3.80
C ASN B 423 15.49 -55.88 2.87
N LEU B 424 15.64 -55.67 1.57
CA LEU B 424 15.57 -56.79 0.63
C LEU B 424 16.71 -57.78 0.87
N MET B 425 17.93 -57.27 1.01
CA MET B 425 19.07 -58.15 1.27
C MET B 425 18.90 -58.92 2.56
N ARG B 426 18.33 -58.27 3.58
CA ARG B 426 18.07 -58.96 4.85
C ARG B 426 17.08 -60.09 4.66
N ASP B 427 16.01 -59.85 3.89
CA ASP B 427 15.04 -60.90 3.60
C ASP B 427 15.68 -62.03 2.80
N VAL B 428 16.52 -61.68 1.82
CA VAL B 428 17.19 -62.70 1.02
C VAL B 428 18.02 -63.62 1.91
N GLU B 429 18.81 -63.03 2.80
CA GLU B 429 19.62 -63.83 3.72
C GLU B 429 18.75 -64.67 4.65
N ARG B 430 17.67 -64.07 5.16
CA ARG B 430 16.78 -64.79 6.06
C ARG B 430 16.22 -66.04 5.40
N GLU B 431 15.92 -65.96 4.11
CA GLU B 431 15.38 -67.09 3.36
C GLU B 431 16.47 -67.98 2.76
N GLY B 432 17.73 -67.59 2.88
CA GLY B 432 18.83 -68.40 2.36
C GLY B 432 18.77 -68.61 0.87
N LEU B 433 18.25 -67.63 0.12
CA LEU B 433 18.13 -67.77 -1.32
C LEU B 433 19.51 -67.91 -1.97
N ASP B 434 19.63 -68.88 -2.87
CA ASP B 434 20.85 -69.04 -3.67
C ASP B 434 20.77 -68.07 -4.84
N TRP B 435 21.61 -67.04 -4.82
CA TRP B 435 21.54 -65.99 -5.83
C TRP B 435 22.95 -65.63 -6.30
N ASP B 436 23.03 -65.22 -7.56
CA ASP B 436 24.28 -64.73 -8.15
C ASP B 436 24.22 -63.27 -8.55
N LEU B 437 23.06 -62.80 -8.98
CA LEU B 437 22.91 -61.45 -9.53
C LEU B 437 21.54 -60.90 -9.15
N ILE B 438 21.51 -59.68 -8.64
CA ILE B 438 20.27 -59.01 -8.28
C ILE B 438 20.26 -57.64 -8.94
N TYR B 439 19.35 -57.45 -9.89
CA TYR B 439 19.24 -56.16 -10.58
C TYR B 439 18.59 -55.14 -9.66
N VAL B 440 19.32 -54.07 -9.35
CA VAL B 440 18.71 -52.91 -8.70
C VAL B 440 18.19 -51.90 -9.73
N GLY B 441 18.76 -51.89 -10.93
CA GLY B 441 18.25 -51.09 -12.03
C GLY B 441 18.53 -51.75 -13.36
N ARG B 442 17.54 -51.78 -14.25
CA ARG B 442 17.66 -52.50 -15.51
C ARG B 442 16.52 -52.05 -16.42
N LYS B 443 16.46 -52.66 -17.61
CA LYS B 443 15.40 -52.42 -18.58
C LYS B 443 14.68 -53.75 -18.81
N ARG B 444 13.52 -53.92 -18.18
CA ARG B 444 12.74 -55.14 -18.33
C ARG B 444 12.23 -55.24 -19.76
N MET B 445 12.63 -56.29 -20.47
CA MET B 445 12.21 -56.50 -21.85
C MET B 445 11.03 -57.46 -21.98
N GLN B 446 10.79 -58.29 -20.97
CA GLN B 446 9.66 -59.23 -20.97
C GLN B 446 8.59 -58.66 -20.05
N VAL B 447 7.59 -58.00 -20.63
CA VAL B 447 6.53 -57.36 -19.88
C VAL B 447 5.14 -57.88 -20.24
N GLU B 448 5.06 -58.89 -21.12
CA GLU B 448 3.75 -59.38 -21.54
C GLU B 448 3.09 -60.20 -20.45
N HIS B 449 3.87 -61.00 -19.73
CA HIS B 449 3.39 -61.72 -18.56
C HIS B 449 4.31 -61.43 -17.38
N PRO B 450 3.78 -61.41 -16.16
CA PRO B 450 4.59 -61.02 -15.00
C PRO B 450 5.72 -62.01 -14.74
N GLU B 451 6.87 -61.46 -14.35
CA GLU B 451 8.02 -62.29 -14.01
C GLU B 451 7.73 -63.06 -12.71
N LYS B 452 8.27 -64.28 -12.64
CA LYS B 452 7.96 -65.19 -11.56
C LYS B 452 8.46 -64.64 -10.23
N ALA B 453 7.55 -64.48 -9.27
CA ALA B 453 7.91 -63.96 -7.96
C ALA B 453 8.74 -64.98 -7.19
N VAL B 454 9.63 -64.46 -6.35
CA VAL B 454 10.48 -65.30 -5.50
C VAL B 454 9.74 -65.53 -4.19
N PRO B 455 9.34 -66.77 -3.88
CA PRO B 455 8.58 -67.01 -2.64
C PRO B 455 9.43 -66.72 -1.40
N ARG B 456 8.75 -66.21 -0.37
CA ARG B 456 9.20 -65.78 0.94
C ARG B 456 10.13 -64.57 0.90
N VAL B 457 10.51 -64.07 -0.27
CA VAL B 457 11.33 -62.87 -0.39
C VAL B 457 10.46 -61.79 -1.02
N ARG B 458 10.21 -60.71 -0.27
CA ARG B 458 9.33 -59.66 -0.74
C ARG B 458 10.07 -58.74 -1.70
N ASN B 459 9.33 -58.22 -2.68
CA ASN B 459 9.83 -57.24 -3.65
C ASN B 459 10.95 -57.80 -4.52
N LEU B 460 11.02 -59.11 -4.69
CA LEU B 460 12.03 -59.74 -5.51
C LEU B 460 11.36 -60.71 -6.48
N VAL B 461 11.85 -60.74 -7.71
CA VAL B 461 11.31 -61.61 -8.76
C VAL B 461 12.46 -62.23 -9.54
N GLU B 462 12.14 -63.29 -10.27
CA GLU B 462 13.13 -63.92 -11.13
C GLU B 462 13.39 -63.02 -12.35
N ALA B 463 14.67 -62.87 -12.69
CA ALA B 463 15.07 -61.95 -13.74
C ALA B 463 14.88 -62.60 -15.11
N ASP B 464 14.05 -61.98 -15.95
CA ASP B 464 13.92 -62.38 -17.34
C ASP B 464 14.86 -61.51 -18.17
N TYR B 465 14.66 -61.46 -19.49
CA TYR B 465 15.57 -60.74 -20.37
C TYR B 465 15.60 -59.25 -20.02
N SER B 466 16.81 -58.74 -19.77
CA SER B 466 17.03 -57.36 -19.37
C SER B 466 18.10 -56.75 -20.26
N TYR B 467 18.16 -55.41 -20.28
CA TYR B 467 18.95 -54.73 -21.30
C TYR B 467 19.88 -53.65 -20.76
N TRP B 468 19.99 -53.48 -19.44
CA TRP B 468 20.89 -52.49 -18.89
C TRP B 468 21.73 -53.10 -17.76
N THR B 469 22.77 -52.37 -17.38
CA THR B 469 23.64 -52.72 -16.27
C THR B 469 23.86 -51.51 -15.37
N LEU B 470 22.79 -50.76 -15.07
CA LEU B 470 22.91 -49.54 -14.28
C LEU B 470 23.43 -49.83 -12.89
N ALA B 471 22.79 -50.76 -12.19
CA ALA B 471 23.17 -51.11 -10.82
C ALA B 471 22.75 -52.54 -10.54
N TYR B 472 23.64 -53.32 -9.94
CA TYR B 472 23.34 -54.71 -9.64
C TYR B 472 24.15 -55.15 -8.43
N VAL B 473 23.61 -56.14 -7.73
CA VAL B 473 24.31 -56.80 -6.62
C VAL B 473 24.83 -58.13 -7.14
N ILE B 474 26.10 -58.40 -6.90
CA ILE B 474 26.74 -59.63 -7.35
C ILE B 474 27.31 -60.37 -6.14
N SER B 475 27.15 -61.69 -6.14
CA SER B 475 27.71 -62.52 -5.09
C SER B 475 29.07 -63.06 -5.51
N LEU B 476 29.85 -63.51 -4.51
CA LEU B 476 31.14 -64.13 -4.80
C LEU B 476 30.96 -65.33 -5.72
N GLN B 477 29.90 -66.10 -5.51
CA GLN B 477 29.58 -67.20 -6.42
C GLN B 477 29.30 -66.67 -7.82
N GLY B 478 28.52 -65.60 -7.93
CA GLY B 478 28.18 -65.05 -9.24
C GLY B 478 29.39 -64.52 -9.98
N ALA B 479 30.31 -63.88 -9.27
CA ALA B 479 31.52 -63.37 -9.90
C ALA B 479 32.37 -64.52 -10.43
N ARG B 480 32.41 -65.65 -9.72
CA ARG B 480 33.17 -66.80 -10.19
C ARG B 480 32.58 -67.35 -11.48
N LYS B 481 31.25 -67.44 -11.57
CA LYS B 481 30.61 -68.01 -12.75
C LYS B 481 30.90 -67.17 -13.99
N LEU B 482 30.76 -65.85 -13.88
CA LEU B 482 31.00 -64.99 -15.03
C LEU B 482 32.44 -65.09 -15.52
N LEU B 483 33.40 -65.11 -14.59
CA LEU B 483 34.80 -65.26 -14.98
C LEU B 483 35.05 -66.62 -15.63
N ALA B 484 34.39 -67.67 -15.12
CA ALA B 484 34.59 -69.01 -15.65
C ALA B 484 34.09 -69.14 -17.09
N ALA B 485 33.17 -68.29 -17.52
CA ALA B 485 32.66 -68.36 -18.89
C ALA B 485 33.69 -67.95 -19.93
N GLU B 486 34.78 -67.33 -19.52
CA GLU B 486 35.76 -66.74 -20.43
C GLU B 486 35.07 -65.87 -21.48
N PRO B 487 34.39 -64.79 -21.07
CA PRO B 487 33.65 -63.98 -22.03
C PRO B 487 34.55 -63.13 -22.93
N LEU B 488 35.84 -63.03 -22.63
CA LEU B 488 36.71 -62.20 -23.45
C LEU B 488 36.92 -62.81 -24.84
N SER B 489 37.00 -64.14 -24.92
CA SER B 489 37.10 -64.80 -26.22
C SER B 489 35.82 -64.70 -27.02
N LYS B 490 34.69 -64.47 -26.37
CA LYS B 490 33.38 -64.35 -27.01
C LYS B 490 32.73 -63.04 -26.58
N MET B 491 33.45 -61.93 -26.80
CA MET B 491 33.03 -60.63 -26.30
C MET B 491 31.64 -60.26 -26.81
N LEU B 492 30.78 -59.87 -25.87
CA LEU B 492 29.39 -59.56 -26.09
C LEU B 492 29.08 -58.44 -25.11
N PRO B 493 28.20 -57.49 -25.47
CA PRO B 493 27.87 -56.40 -24.54
C PRO B 493 27.44 -56.95 -23.19
N VAL B 494 27.95 -56.32 -22.12
CA VAL B 494 27.76 -56.86 -20.78
C VAL B 494 26.28 -56.97 -20.43
N ASP B 495 25.48 -56.00 -20.88
CA ASP B 495 24.04 -56.06 -20.66
C ASP B 495 23.37 -57.16 -21.47
N GLU B 496 24.09 -57.78 -22.41
CA GLU B 496 23.63 -58.99 -23.08
C GLU B 496 24.34 -60.24 -22.60
N PHE B 497 25.57 -60.12 -22.11
CA PHE B 497 26.30 -61.26 -21.60
C PHE B 497 25.63 -61.85 -20.36
N LEU B 498 25.11 -61.00 -19.49
CA LEU B 498 24.40 -61.49 -18.31
C LEU B 498 23.12 -62.23 -18.68
N PRO B 499 22.22 -61.69 -19.53
CA PRO B 499 21.05 -62.47 -19.93
C PRO B 499 21.40 -63.78 -20.63
N VAL B 500 22.54 -63.85 -21.30
CA VAL B 500 23.01 -65.13 -21.82
C VAL B 500 23.34 -66.08 -20.68
N MET B 501 23.96 -65.57 -19.61
CA MET B 501 24.42 -66.42 -18.53
C MET B 501 23.29 -66.95 -17.66
N PHE B 502 22.16 -66.24 -17.55
CA PHE B 502 20.98 -66.85 -16.93
C PHE B 502 19.96 -67.28 -17.98
N ASP B 503 20.41 -67.51 -19.23
CA ASP B 503 19.68 -68.29 -20.22
C ASP B 503 18.29 -67.71 -20.51
N LYS B 504 18.24 -66.38 -20.70
CA LYS B 504 17.02 -65.71 -21.12
C LYS B 504 17.22 -64.88 -22.38
N HIS B 505 18.43 -64.88 -22.95
CA HIS B 505 18.67 -64.15 -24.17
C HIS B 505 17.88 -64.77 -25.32
N PRO B 506 17.27 -63.94 -26.19
CA PRO B 506 16.45 -64.52 -27.26
C PRO B 506 17.27 -65.27 -28.30
N VAL B 507 18.40 -64.71 -28.73
CA VAL B 507 19.22 -65.34 -29.77
C VAL B 507 19.86 -66.60 -29.22
N SER B 508 19.29 -67.76 -29.56
CA SER B 508 19.85 -69.03 -29.11
C SER B 508 21.23 -69.29 -29.70
N GLU B 509 21.55 -68.68 -30.83
CA GLU B 509 22.89 -68.85 -31.41
C GLU B 509 23.96 -68.21 -30.52
N TYR B 510 23.64 -67.07 -29.90
CA TYR B 510 24.58 -66.44 -28.98
C TYR B 510 24.83 -67.34 -27.78
N LYS B 511 23.76 -67.85 -27.16
CA LYS B 511 23.90 -68.72 -26.01
C LYS B 511 24.57 -70.04 -26.36
N ALA B 512 24.59 -70.41 -27.65
CA ALA B 512 25.25 -71.64 -28.06
C ALA B 512 26.76 -71.57 -27.86
N HIS B 513 27.34 -70.36 -27.94
CA HIS B 513 28.77 -70.20 -27.72
C HIS B 513 29.15 -70.33 -26.25
N PHE B 514 28.18 -70.29 -25.34
CA PHE B 514 28.43 -70.40 -23.90
C PHE B 514 27.82 -71.72 -23.42
N SER B 515 28.67 -72.66 -23.02
CA SER B 515 28.19 -73.99 -22.64
C SER B 515 27.37 -73.93 -21.35
N LEU B 516 27.97 -73.51 -20.25
CA LEU B 516 27.33 -73.50 -18.95
C LEU B 516 26.73 -72.12 -18.69
N ARG B 517 25.41 -72.08 -18.52
CA ARG B 517 24.66 -70.84 -18.27
C ARG B 517 23.79 -71.05 -17.03
N ASN B 518 24.43 -71.10 -15.86
CA ASN B 518 23.78 -71.43 -14.60
C ASN B 518 23.76 -70.24 -13.64
N LEU B 519 23.44 -69.06 -14.16
CA LEU B 519 23.42 -67.84 -13.35
C LEU B 519 22.06 -67.69 -12.67
N HIS B 520 22.09 -67.54 -11.35
CA HIS B 520 20.89 -67.27 -10.57
C HIS B 520 20.69 -65.75 -10.55
N ALA B 521 19.77 -65.27 -11.39
CA ALA B 521 19.54 -63.85 -11.54
C ALA B 521 18.15 -63.48 -11.01
N PHE B 522 18.09 -62.33 -10.34
CA PHE B 522 16.83 -61.79 -9.84
C PHE B 522 16.86 -60.29 -10.04
N SER B 523 15.68 -59.68 -9.95
CA SER B 523 15.54 -58.24 -10.06
C SER B 523 14.71 -57.71 -8.90
N VAL B 524 15.11 -56.55 -8.37
CA VAL B 524 14.29 -55.87 -7.38
C VAL B 524 13.00 -55.41 -8.04
N GLU B 525 11.89 -55.52 -7.30
CA GLU B 525 10.61 -55.10 -7.86
C GLU B 525 9.83 -54.28 -6.83
N PRO B 526 9.56 -53.00 -7.12
CA PRO B 526 9.90 -52.27 -8.36
C PRO B 526 11.36 -51.84 -8.38
N LEU B 527 11.85 -51.36 -9.51
CA LEU B 527 13.25 -50.98 -9.62
C LEU B 527 13.56 -49.80 -8.71
N LEU B 528 14.73 -49.86 -8.07
CA LEU B 528 15.17 -48.81 -7.16
C LEU B 528 16.07 -47.78 -7.84
N ILE B 529 16.55 -48.06 -9.05
CA ILE B 529 17.45 -47.17 -9.77
C ILE B 529 17.02 -47.10 -11.23
N TYR B 530 16.99 -45.89 -11.77
CA TYR B 530 16.62 -45.61 -13.14
C TYR B 530 17.68 -44.73 -13.77
N PRO B 531 17.75 -44.67 -15.10
CA PRO B 531 18.72 -43.77 -15.74
C PRO B 531 18.27 -42.32 -15.62
N THR B 532 19.22 -41.40 -15.83
CA THR B 532 18.97 -39.98 -15.63
C THR B 532 18.26 -39.36 -16.83
N HIS B 533 18.94 -39.39 -17.98
CA HIS B 533 18.36 -38.83 -19.23
C HIS B 533 17.27 -39.78 -19.73
N TYR B 534 17.30 -41.02 -19.23
CA TYR B 534 16.31 -42.06 -19.61
C TYR B 534 16.23 -42.13 -21.13
N THR B 535 17.38 -42.20 -21.80
CA THR B 535 17.42 -42.26 -23.28
C THR B 535 16.64 -43.48 -23.74
#